data_1D10
# 
_entry.id   1D10 
# 
_audit_conform.dict_name       mmcif_pdbx.dic 
_audit_conform.dict_version    5.385 
_audit_conform.dict_location   http://mmcif.pdb.org/dictionaries/ascii/mmcif_pdbx.dic 
# 
loop_
_database_2.database_id 
_database_2.database_code 
_database_2.pdbx_database_accession 
_database_2.pdbx_DOI 
PDB   1D10         pdb_00001d10 10.2210/pdb1d10/pdb 
RCSB  DDF020       ?            ?                   
WWPDB D_1000172615 ?            ?                   
# 
loop_
_pdbx_audit_revision_history.ordinal 
_pdbx_audit_revision_history.data_content_type 
_pdbx_audit_revision_history.major_revision 
_pdbx_audit_revision_history.minor_revision 
_pdbx_audit_revision_history.revision_date 
1 'Structure model' 1 0 1990-10-15 
2 'Structure model' 1 1 2008-05-22 
3 'Structure model' 1 2 2011-07-13 
4 'Structure model' 1 3 2024-02-07 
# 
_pdbx_audit_revision_details.ordinal             1 
_pdbx_audit_revision_details.revision_ordinal    1 
_pdbx_audit_revision_details.data_content_type   'Structure model' 
_pdbx_audit_revision_details.provider            repository 
_pdbx_audit_revision_details.type                'Initial release' 
_pdbx_audit_revision_details.description         ? 
_pdbx_audit_revision_details.details             ? 
# 
loop_
_pdbx_audit_revision_group.ordinal 
_pdbx_audit_revision_group.revision_ordinal 
_pdbx_audit_revision_group.data_content_type 
_pdbx_audit_revision_group.group 
1 2 'Structure model' 'Version format compliance' 
2 3 'Structure model' 'Version format compliance' 
3 4 'Structure model' 'Data collection'           
4 4 'Structure model' 'Database references'       
5 4 'Structure model' 'Derived calculations'      
# 
loop_
_pdbx_audit_revision_category.ordinal 
_pdbx_audit_revision_category.revision_ordinal 
_pdbx_audit_revision_category.data_content_type 
_pdbx_audit_revision_category.category 
1 4 'Structure model' chem_comp_atom 
2 4 'Structure model' chem_comp_bond 
3 4 'Structure model' database_2     
4 4 'Structure model' struct_site    
# 
loop_
_pdbx_audit_revision_item.ordinal 
_pdbx_audit_revision_item.revision_ordinal 
_pdbx_audit_revision_item.data_content_type 
_pdbx_audit_revision_item.item 
1 4 'Structure model' '_database_2.pdbx_DOI'                
2 4 'Structure model' '_database_2.pdbx_database_accession' 
3 4 'Structure model' '_struct_site.pdbx_auth_asym_id'      
4 4 'Structure model' '_struct_site.pdbx_auth_comp_id'      
5 4 'Structure model' '_struct_site.pdbx_auth_seq_id'       
# 
_pdbx_database_status.status_code                     REL 
_pdbx_database_status.entry_id                        1D10 
_pdbx_database_status.recvd_initial_deposition_date   1989-10-20 
_pdbx_database_status.deposit_site                    BNL 
_pdbx_database_status.process_site                    BNL 
_pdbx_database_status.SG_entry                        . 
_pdbx_database_status.pdb_format_compatible           Y 
_pdbx_database_status.status_code_mr                  ? 
_pdbx_database_status.status_code_sf                  ? 
_pdbx_database_status.status_code_cs                  ? 
_pdbx_database_status.status_code_nmr_data            ? 
_pdbx_database_status.methods_development_category    ? 
# 
loop_
_audit_author.name 
_audit_author.pdbx_ordinal 
'Frederick, C.A.'     1 
'Williams, L.D.'      2 
'Ughetto, G.'         3 
'Van Der Marel, G.A.' 4 
'Van Boom, J.H.'      5 
'Rich, A.'            6 
'Wang, A.H.-J.'       7 
# 
_citation.id                        primary 
_citation.title                     'Structural comparison of anticancer drug-DNA complexes: adriamycin and daunomycin.' 
_citation.journal_abbrev            Biochemistry 
_citation.journal_volume            29 
_citation.page_first                2538 
_citation.page_last                 2549 
_citation.year                      1990 
_citation.journal_id_ASTM           BICHAW 
_citation.country                   US 
_citation.journal_id_ISSN           0006-2960 
_citation.journal_id_CSD            0033 
_citation.book_publisher            ? 
_citation.pdbx_database_id_PubMed   2334681 
_citation.pdbx_database_id_DOI      10.1021/bi00462a016 
# 
loop_
_citation_author.citation_id 
_citation_author.name 
_citation_author.ordinal 
_citation_author.identifier_ORCID 
primary 'Frederick, C.A.'     1 ? 
primary 'Williams, L.D.'      2 ? 
primary 'Ughetto, G.'         3 ? 
primary 'van der Marel, G.A.' 4 ? 
primary 'van Boom, J.H.'      5 ? 
primary 'Rich, A.'            6 ? 
primary 'Wang, A.H.'          7 ? 
# 
loop_
_entity.id 
_entity.type 
_entity.src_method 
_entity.pdbx_description 
_entity.formula_weight 
_entity.pdbx_number_of_molecules 
_entity.pdbx_ec 
_entity.pdbx_mutation 
_entity.pdbx_fragment 
_entity.details 
1 polymer     syn 
;DNA (5'-D(*CP*GP*AP*TP*CP*G)-3')
;
1809.217 1  ? ? ? ? 
2 non-polymer syn DAUNOMYCIN                         527.520  1  ? ? ? ? 
3 non-polymer syn SPERMINE                           202.340  1  ? ? ? ? 
4 non-polymer syn 'SODIUM ION'                       22.990   1  ? ? ? ? 
5 water       nat water                              18.015   60 ? ? ? ? 
# 
_entity_poly.entity_id                      1 
_entity_poly.type                           polydeoxyribonucleotide 
_entity_poly.nstd_linkage                   no 
_entity_poly.nstd_monomer                   no 
_entity_poly.pdbx_seq_one_letter_code       '(DC)(DG)(DA)(DT)(DC)(DG)' 
_entity_poly.pdbx_seq_one_letter_code_can   CGATCG 
_entity_poly.pdbx_strand_id                 A 
_entity_poly.pdbx_target_identifier         ? 
# 
loop_
_pdbx_entity_nonpoly.entity_id 
_pdbx_entity_nonpoly.name 
_pdbx_entity_nonpoly.comp_id 
2 DAUNOMYCIN   DM1 
3 SPERMINE     SPM 
4 'SODIUM ION' NA  
5 water        HOH 
# 
loop_
_entity_poly_seq.entity_id 
_entity_poly_seq.num 
_entity_poly_seq.mon_id 
_entity_poly_seq.hetero 
1 1 DC n 
1 2 DG n 
1 3 DA n 
1 4 DT n 
1 5 DC n 
1 6 DG n 
# 
loop_
_chem_comp.id 
_chem_comp.type 
_chem_comp.mon_nstd_flag 
_chem_comp.name 
_chem_comp.pdbx_synonyms 
_chem_comp.formula 
_chem_comp.formula_weight 
DA  'DNA linking' y "2'-DEOXYADENOSINE-5'-MONOPHOSPHATE" ?            'C10 H14 N5 O6 P' 331.222 
DC  'DNA linking' y "2'-DEOXYCYTIDINE-5'-MONOPHOSPHATE"  ?            'C9 H14 N3 O7 P'  307.197 
DG  'DNA linking' y "2'-DEOXYGUANOSINE-5'-MONOPHOSPHATE" ?            'C10 H14 N5 O7 P' 347.221 
DM1 non-polymer   . DAUNOMYCIN                           DAUNORUBICIN 'C27 H29 N O10'   527.520 
DT  'DNA linking' y "THYMIDINE-5'-MONOPHOSPHATE"         ?            'C10 H15 N2 O8 P' 322.208 
HOH non-polymer   . WATER                                ?            'H2 O'            18.015  
NA  non-polymer   . 'SODIUM ION'                         ?            'Na 1'            22.990  
SPM non-polymer   . SPERMINE                             ?            'C10 H26 N4'      202.340 
# 
loop_
_pdbx_poly_seq_scheme.asym_id 
_pdbx_poly_seq_scheme.entity_id 
_pdbx_poly_seq_scheme.seq_id 
_pdbx_poly_seq_scheme.mon_id 
_pdbx_poly_seq_scheme.ndb_seq_num 
_pdbx_poly_seq_scheme.pdb_seq_num 
_pdbx_poly_seq_scheme.auth_seq_num 
_pdbx_poly_seq_scheme.pdb_mon_id 
_pdbx_poly_seq_scheme.auth_mon_id 
_pdbx_poly_seq_scheme.pdb_strand_id 
_pdbx_poly_seq_scheme.pdb_ins_code 
_pdbx_poly_seq_scheme.hetero 
A 1 1 DC 1 1 1 DC C A . n 
A 1 2 DG 2 2 2 DG G A . n 
A 1 3 DA 3 3 3 DA A A . n 
A 1 4 DT 4 4 4 DT T A . n 
A 1 5 DC 5 5 5 DC C A . n 
A 1 6 DG 6 6 6 DG G A . n 
# 
loop_
_pdbx_nonpoly_scheme.asym_id 
_pdbx_nonpoly_scheme.entity_id 
_pdbx_nonpoly_scheme.mon_id 
_pdbx_nonpoly_scheme.ndb_seq_num 
_pdbx_nonpoly_scheme.pdb_seq_num 
_pdbx_nonpoly_scheme.auth_seq_num 
_pdbx_nonpoly_scheme.pdb_mon_id 
_pdbx_nonpoly_scheme.auth_mon_id 
_pdbx_nonpoly_scheme.pdb_strand_id 
_pdbx_nonpoly_scheme.pdb_ins_code 
B 2 DM1 1  7  7  DM1 DM1 A . 
C 3 SPM 1  8  8  SPM SPM A . 
D 4 NA  1  9  9  NA  NA  A . 
E 5 HOH 1  10 10 HOH HOH A . 
E 5 HOH 2  11 11 HOH HOH A . 
E 5 HOH 3  12 12 HOH HOH A . 
E 5 HOH 4  13 13 HOH HOH A . 
E 5 HOH 5  14 14 HOH HOH A . 
E 5 HOH 6  15 15 HOH HOH A . 
E 5 HOH 7  16 16 HOH HOH A . 
E 5 HOH 8  17 17 HOH HOH A . 
E 5 HOH 9  18 18 HOH HOH A . 
E 5 HOH 10 19 19 HOH HOH A . 
E 5 HOH 11 20 20 HOH HOH A . 
E 5 HOH 12 21 21 HOH HOH A . 
E 5 HOH 13 22 22 HOH HOH A . 
E 5 HOH 14 23 23 HOH HOH A . 
E 5 HOH 15 24 24 HOH HOH A . 
E 5 HOH 16 25 25 HOH HOH A . 
E 5 HOH 17 26 26 HOH HOH A . 
E 5 HOH 18 27 27 HOH HOH A . 
E 5 HOH 19 28 28 HOH HOH A . 
E 5 HOH 20 29 29 HOH HOH A . 
E 5 HOH 21 30 30 HOH HOH A . 
E 5 HOH 22 31 31 HOH HOH A . 
E 5 HOH 23 32 32 HOH HOH A . 
E 5 HOH 24 33 33 HOH HOH A . 
E 5 HOH 25 34 34 HOH HOH A . 
E 5 HOH 26 35 35 HOH HOH A . 
E 5 HOH 27 36 36 HOH HOH A . 
E 5 HOH 28 37 37 HOH HOH A . 
E 5 HOH 29 38 38 HOH HOH A . 
E 5 HOH 30 39 39 HOH HOH A . 
E 5 HOH 31 40 40 HOH HOH A . 
E 5 HOH 32 41 41 HOH HOH A . 
E 5 HOH 33 42 42 HOH HOH A . 
E 5 HOH 34 43 43 HOH HOH A . 
E 5 HOH 35 44 44 HOH HOH A . 
E 5 HOH 36 45 45 HOH HOH A . 
E 5 HOH 37 46 46 HOH HOH A . 
E 5 HOH 38 47 47 HOH HOH A . 
E 5 HOH 39 48 48 HOH HOH A . 
E 5 HOH 40 49 49 HOH HOH A . 
E 5 HOH 41 50 50 HOH HOH A . 
E 5 HOH 42 51 51 HOH HOH A . 
E 5 HOH 43 52 52 HOH HOH A . 
E 5 HOH 44 53 53 HOH HOH A . 
E 5 HOH 45 54 54 HOH HOH A . 
E 5 HOH 46 55 55 HOH HOH A . 
E 5 HOH 47 56 56 HOH HOH A . 
E 5 HOH 48 57 57 HOH HOH A . 
E 5 HOH 49 58 58 HOH HOH A . 
E 5 HOH 50 59 59 HOH HOH A . 
E 5 HOH 51 60 60 HOH HOH A . 
E 5 HOH 52 61 61 HOH HOH A . 
E 5 HOH 53 62 62 HOH HOH A . 
E 5 HOH 54 63 63 HOH HOH A . 
E 5 HOH 55 64 64 HOH HOH A . 
E 5 HOH 56 65 65 HOH HOH A . 
E 5 HOH 57 66 66 HOH HOH A . 
E 5 HOH 58 67 67 HOH HOH A . 
E 5 HOH 59 68 68 HOH HOH A . 
E 5 HOH 60 69 69 HOH HOH A . 
# 
_software.name             NUCLSQ 
_software.classification   refinement 
_software.version          . 
_software.citation_id      ? 
_software.pdbx_ordinal     1 
# 
_cell.entry_id           1D10 
_cell.length_a           28.110 
_cell.length_b           28.110 
_cell.length_c           53.080 
_cell.angle_alpha        90.00 
_cell.angle_beta         90.00 
_cell.angle_gamma        90.00 
_cell.Z_PDB              8 
_cell.pdbx_unique_axis   ? 
# 
_symmetry.entry_id                         1D10 
_symmetry.space_group_name_H-M             'P 41 21 2' 
_symmetry.pdbx_full_space_group_name_H-M   ? 
_symmetry.cell_setting                     ? 
_symmetry.Int_Tables_number                92 
# 
_exptl.entry_id          1D10 
_exptl.method            'X-RAY DIFFRACTION' 
_exptl.crystals_number   ? 
# 
_exptl_crystal.id                    1 
_exptl_crystal.density_meas          ? 
_exptl_crystal.density_Matthews      2.90 
_exptl_crystal.density_percent_sol   57.55 
_exptl_crystal.description           ? 
# 
_exptl_crystal_grow.crystal_id      1 
_exptl_crystal_grow.method          'VAPOR DIFFUSION' 
_exptl_crystal_grow.temp            ? 
_exptl_crystal_grow.temp_details    'ROOM TEMPERATURE' 
_exptl_crystal_grow.pH              ? 
_exptl_crystal_grow.pdbx_details    'VAPOR DIFFUSION' 
_exptl_crystal_grow.pdbx_pH_range   ? 
# 
loop_
_exptl_crystal_grow_comp.crystal_id 
_exptl_crystal_grow_comp.id 
_exptl_crystal_grow_comp.sol_id 
_exptl_crystal_grow_comp.name 
_exptl_crystal_grow_comp.volume 
_exptl_crystal_grow_comp.conc 
_exptl_crystal_grow_comp.details 
1 1 1 WATER           ? ? ? 
1 2 1 MPD             ? ? ? 
1 3 1 'NA CACODYLATE' ? ? ? 
1 4 1 MGCL2           ? ? ? 
1 5 1 SPERMINE        ? ? ? 
# 
_diffrn.id                     1 
_diffrn.ambient_temp           288.00 
_diffrn.ambient_temp_details   ? 
_diffrn.crystal_id             1 
# 
_diffrn_detector.diffrn_id              1 
_diffrn_detector.detector               DIFFRACTOMETER 
_diffrn_detector.type                   ? 
_diffrn_detector.pdbx_collection_date   ? 
_diffrn_detector.details                ? 
# 
_diffrn_radiation.diffrn_id                        1 
_diffrn_radiation.wavelength_id                    1 
_diffrn_radiation.pdbx_monochromatic_or_laue_m_l   ? 
_diffrn_radiation.monochromator                    ? 
_diffrn_radiation.pdbx_diffrn_protocol             ? 
_diffrn_radiation.pdbx_scattering_type             x-ray 
# 
_diffrn_radiation_wavelength.id           1 
_diffrn_radiation_wavelength.wavelength   . 
_diffrn_radiation_wavelength.wt           1.0 
# 
_diffrn_source.diffrn_id                   1 
_diffrn_source.source                      ? 
_diffrn_source.type                        ? 
_diffrn_source.pdbx_synchrotron_site       ? 
_diffrn_source.pdbx_synchrotron_beamline   ? 
_diffrn_source.pdbx_wavelength             ? 
_diffrn_source.pdbx_wavelength_list        ? 
# 
_reflns.entry_id                     1D10 
_reflns.observed_criterion_sigma_I   ? 
_reflns.observed_criterion_sigma_F   2.000 
_reflns.d_resolution_low             ? 
_reflns.d_resolution_high            1.500 
_reflns.number_obs                   ? 
_reflns.number_all                   ? 
_reflns.percent_possible_obs         ? 
_reflns.pdbx_Rmerge_I_obs            ? 
_reflns.pdbx_Rsym_value              ? 
_reflns.pdbx_netI_over_sigmaI        ? 
_reflns.B_iso_Wilson_estimate        ? 
_reflns.pdbx_redundancy              ? 
_reflns.pdbx_diffrn_id               1 
_reflns.pdbx_ordinal                 1 
# 
_refine.entry_id                                 1D10 
_refine.ls_number_reflns_obs                     2731 
_refine.ls_number_reflns_all                     ? 
_refine.pdbx_ls_sigma_I                          ? 
_refine.pdbx_ls_sigma_F                          2.000 
_refine.pdbx_data_cutoff_high_absF               ? 
_refine.pdbx_data_cutoff_low_absF                ? 
_refine.pdbx_data_cutoff_high_rms_absF           ? 
_refine.ls_d_res_low                             10.000 
_refine.ls_d_res_high                            1.500 
_refine.ls_percent_reflns_obs                    ? 
_refine.ls_R_factor_obs                          0.1750000 
_refine.ls_R_factor_all                          ? 
_refine.ls_R_factor_R_work                       ? 
_refine.ls_R_factor_R_free                       ? 
_refine.ls_R_factor_R_free_error                 ? 
_refine.ls_R_factor_R_free_error_details         ? 
_refine.ls_percent_reflns_R_free                 ? 
_refine.ls_number_reflns_R_free                  ? 
_refine.ls_number_parameters                     ? 
_refine.ls_number_restraints                     ? 
_refine.occupancy_min                            ? 
_refine.occupancy_max                            ? 
_refine.B_iso_mean                               ? 
_refine.aniso_B[1][1]                            ? 
_refine.aniso_B[2][2]                            ? 
_refine.aniso_B[3][3]                            ? 
_refine.aniso_B[1][2]                            ? 
_refine.aniso_B[1][3]                            ? 
_refine.aniso_B[2][3]                            ? 
_refine.solvent_model_details                    ? 
_refine.solvent_model_param_ksol                 ? 
_refine.solvent_model_param_bsol                 ? 
_refine.pdbx_ls_cross_valid_method               ? 
_refine.details                                  ? 
_refine.pdbx_starting_model                      ? 
_refine.pdbx_method_to_determine_struct          ? 
_refine.pdbx_isotropic_thermal_model             ? 
_refine.pdbx_stereochemistry_target_values       ? 
_refine.pdbx_stereochem_target_val_spec_case     ? 
_refine.pdbx_R_Free_selection_details            ? 
_refine.pdbx_overall_ESU_R                       ? 
_refine.pdbx_overall_ESU_R_Free                  ? 
_refine.overall_SU_ML                            ? 
_refine.overall_SU_B                             ? 
_refine.pdbx_refine_id                           'X-RAY DIFFRACTION' 
_refine.pdbx_diffrn_id                           1 
_refine.pdbx_TLS_residual_ADP_flag               ? 
_refine.correlation_coeff_Fo_to_Fc               ? 
_refine.correlation_coeff_Fo_to_Fc_free          ? 
_refine.pdbx_solvent_vdw_probe_radii             ? 
_refine.pdbx_solvent_ion_probe_radii             ? 
_refine.pdbx_solvent_shrinkage_radii             ? 
_refine.pdbx_overall_phase_error                 ? 
_refine.overall_SU_R_Cruickshank_DPI             ? 
_refine.pdbx_overall_SU_R_free_Cruickshank_DPI   ? 
_refine.pdbx_overall_SU_R_Blow_DPI               ? 
_refine.pdbx_overall_SU_R_free_Blow_DPI          ? 
# 
_refine_hist.pdbx_refine_id                   'X-RAY DIFFRACTION' 
_refine_hist.cycle_id                         LAST 
_refine_hist.pdbx_number_atoms_protein        0 
_refine_hist.pdbx_number_atoms_nucleic_acid   120 
_refine_hist.pdbx_number_atoms_ligand         53 
_refine_hist.number_atoms_solvent             60 
_refine_hist.number_atoms_total               233 
_refine_hist.d_res_high                       1.500 
_refine_hist.d_res_low                        10.000 
# 
loop_
_refine_ls_restr.type 
_refine_ls_restr.dev_ideal 
_refine_ls_restr.dev_ideal_target 
_refine_ls_restr.weight 
_refine_ls_restr.number 
_refine_ls_restr.pdbx_refine_id 
_refine_ls_restr.pdbx_restraint_function 
n_bond_d               0.036 ? ? ? 'X-RAY DIFFRACTION' ? 
n_angle_d              ?     ? ? ? 'X-RAY DIFFRACTION' ? 
n_planar_d             ?     ? ? ? 'X-RAY DIFFRACTION' ? 
n_hb_or_metal_coord    ?     ? ? ? 'X-RAY DIFFRACTION' ? 
n_sugar_bond_it        ?     ? ? ? 'X-RAY DIFFRACTION' ? 
n_sugar_angle_it       ?     ? ? ? 'X-RAY DIFFRACTION' ? 
n_phos_bond_it         ?     ? ? ? 'X-RAY DIFFRACTION' ? 
n_phos_angle_it        ?     ? ? ? 'X-RAY DIFFRACTION' ? 
n_bond_angle_restr     ?     ? ? ? 'X-RAY DIFFRACTION' ? 
n_dihedral_angle_restr ?     ? ? ? 'X-RAY DIFFRACTION' ? 
n_impr_tor             ?     ? ? ? 'X-RAY DIFFRACTION' ? 
n_sugar_bond_d         ?     ? ? ? 'X-RAY DIFFRACTION' ? 
n_sugar_bond_angle_d   ?     ? ? ? 'X-RAY DIFFRACTION' ? 
n_phos_bond_d          ?     ? ? ? 'X-RAY DIFFRACTION' ? 
n_phos_bond_angle_d    ?     ? ? ? 'X-RAY DIFFRACTION' ? 
n_plane_restr          ?     ? ? ? 'X-RAY DIFFRACTION' ? 
n_chiral_restr         ?     ? ? ? 'X-RAY DIFFRACTION' ? 
n_singtor_nbd          ?     ? ? ? 'X-RAY DIFFRACTION' ? 
n_multtor_nbd          ?     ? ? ? 'X-RAY DIFFRACTION' ? 
n_xhyhbond_nbd         ?     ? ? ? 'X-RAY DIFFRACTION' ? 
# 
_struct.entry_id                  1D10 
_struct.title                     'STRUCTURAL COMPARISON OF ANTICANCER DRUG-DNA COMPLEXES. ADRIAMYCIN AND DAUNOMYCIN' 
_struct.pdbx_model_details        ? 
_struct.pdbx_CASP_flag            ? 
_struct.pdbx_model_type_details   ? 
# 
_struct_keywords.entry_id        1D10 
_struct_keywords.pdbx_keywords   DNA 
_struct_keywords.text            'RIGHT HANDED DNA, DOUBLE HELIX, COMPLEXED WITH DRUG, DNA' 
# 
loop_
_struct_asym.id 
_struct_asym.pdbx_blank_PDB_chainid_flag 
_struct_asym.pdbx_modified 
_struct_asym.entity_id 
_struct_asym.details 
A N N 1 ? 
B N N 2 ? 
C N N 3 ? 
D N N 4 ? 
E N N 5 ? 
# 
_struct_ref.id                         1 
_struct_ref.entity_id                  1 
_struct_ref.db_name                    PDB 
_struct_ref.db_code                    1D10 
_struct_ref.pdbx_db_accession          1D10 
_struct_ref.pdbx_db_isoform            ? 
_struct_ref.pdbx_seq_one_letter_code   ? 
_struct_ref.pdbx_align_begin           ? 
# 
_struct_ref_seq.align_id                      1 
_struct_ref_seq.ref_id                        1 
_struct_ref_seq.pdbx_PDB_id_code              1D10 
_struct_ref_seq.pdbx_strand_id                A 
_struct_ref_seq.seq_align_beg                 1 
_struct_ref_seq.pdbx_seq_align_beg_ins_code   ? 
_struct_ref_seq.seq_align_end                 6 
_struct_ref_seq.pdbx_seq_align_end_ins_code   ? 
_struct_ref_seq.pdbx_db_accession             1D10 
_struct_ref_seq.db_align_beg                  1 
_struct_ref_seq.pdbx_db_align_beg_ins_code    ? 
_struct_ref_seq.db_align_end                  6 
_struct_ref_seq.pdbx_db_align_end_ins_code    ? 
_struct_ref_seq.pdbx_auth_seq_align_beg       1 
_struct_ref_seq.pdbx_auth_seq_align_end       6 
# 
_pdbx_struct_assembly.id                   1 
_pdbx_struct_assembly.details              author_defined_assembly 
_pdbx_struct_assembly.method_details       ? 
_pdbx_struct_assembly.oligomeric_details   dimeric 
_pdbx_struct_assembly.oligomeric_count     2 
# 
_pdbx_struct_assembly_gen.assembly_id       1 
_pdbx_struct_assembly_gen.oper_expression   1,2 
_pdbx_struct_assembly_gen.asym_id_list      A,B,C,D,E 
# 
loop_
_pdbx_struct_oper_list.id 
_pdbx_struct_oper_list.type 
_pdbx_struct_oper_list.name 
_pdbx_struct_oper_list.symmetry_operation 
_pdbx_struct_oper_list.matrix[1][1] 
_pdbx_struct_oper_list.matrix[1][2] 
_pdbx_struct_oper_list.matrix[1][3] 
_pdbx_struct_oper_list.vector[1] 
_pdbx_struct_oper_list.matrix[2][1] 
_pdbx_struct_oper_list.matrix[2][2] 
_pdbx_struct_oper_list.matrix[2][3] 
_pdbx_struct_oper_list.vector[2] 
_pdbx_struct_oper_list.matrix[3][1] 
_pdbx_struct_oper_list.matrix[3][2] 
_pdbx_struct_oper_list.matrix[3][3] 
_pdbx_struct_oper_list.vector[3] 
1 'identity operation'         1_555 x,y,z            1.0000000000 0.0000000000  0.0000000000 0.0000000000 0.0000000000  1.0000000000  0.0000000000  0.0000000000 0.0000000000 0.0000000000  1.0000000000  0.0000000000  
2 'crystal symmetry operation' 8_665 -y+1,-x+1,-z+1/2 0.3159306294 -0.8662089301 0.3871303743 2.9109682786 -0.8662089301 -0.4298195559 -0.2548278609 3.7028920492 0.3871303743 -0.2548278609 -0.8861110735 -1.6096751894 
# 
_struct_biol.id   1 
# 
loop_
_struct_conn.id 
_struct_conn.conn_type_id 
_struct_conn.pdbx_leaving_atom_flag 
_struct_conn.pdbx_PDB_id 
_struct_conn.ptnr1_label_asym_id 
_struct_conn.ptnr1_label_comp_id 
_struct_conn.ptnr1_label_seq_id 
_struct_conn.ptnr1_label_atom_id 
_struct_conn.pdbx_ptnr1_label_alt_id 
_struct_conn.pdbx_ptnr1_PDB_ins_code 
_struct_conn.pdbx_ptnr1_standard_comp_id 
_struct_conn.ptnr1_symmetry 
_struct_conn.ptnr2_label_asym_id 
_struct_conn.ptnr2_label_comp_id 
_struct_conn.ptnr2_label_seq_id 
_struct_conn.ptnr2_label_atom_id 
_struct_conn.pdbx_ptnr2_label_alt_id 
_struct_conn.pdbx_ptnr2_PDB_ins_code 
_struct_conn.ptnr1_auth_asym_id 
_struct_conn.ptnr1_auth_comp_id 
_struct_conn.ptnr1_auth_seq_id 
_struct_conn.ptnr2_auth_asym_id 
_struct_conn.ptnr2_auth_comp_id 
_struct_conn.ptnr2_auth_seq_id 
_struct_conn.ptnr2_symmetry 
_struct_conn.pdbx_ptnr3_label_atom_id 
_struct_conn.pdbx_ptnr3_label_seq_id 
_struct_conn.pdbx_ptnr3_label_comp_id 
_struct_conn.pdbx_ptnr3_label_asym_id 
_struct_conn.pdbx_ptnr3_label_alt_id 
_struct_conn.pdbx_ptnr3_PDB_ins_code 
_struct_conn.details 
_struct_conn.pdbx_dist_value 
_struct_conn.pdbx_value_order 
_struct_conn.pdbx_role 
hydrog1  hydrog ? ? A DC 1 N3 ? ? ? 1_555 A DG 6 N1 ? ? A DC 1 A DG 6 8_665 ? ? ? ? ? ? WATSON-CRICK ? ? ? 
hydrog2  hydrog ? ? A DC 1 N4 ? ? ? 1_555 A DG 6 O6 ? ? A DC 1 A DG 6 8_665 ? ? ? ? ? ? WATSON-CRICK ? ? ? 
hydrog3  hydrog ? ? A DC 1 O2 ? ? ? 1_555 A DG 6 N2 ? ? A DC 1 A DG 6 8_665 ? ? ? ? ? ? WATSON-CRICK ? ? ? 
hydrog4  hydrog ? ? A DG 2 N1 ? ? ? 1_555 A DC 5 N3 ? ? A DG 2 A DC 5 8_665 ? ? ? ? ? ? WATSON-CRICK ? ? ? 
hydrog5  hydrog ? ? A DG 2 N2 ? ? ? 1_555 A DC 5 O2 ? ? A DG 2 A DC 5 8_665 ? ? ? ? ? ? WATSON-CRICK ? ? ? 
hydrog6  hydrog ? ? A DG 2 O6 ? ? ? 1_555 A DC 5 N4 ? ? A DG 2 A DC 5 8_665 ? ? ? ? ? ? WATSON-CRICK ? ? ? 
hydrog7  hydrog ? ? A DA 3 N1 ? ? ? 1_555 A DT 4 N3 ? ? A DA 3 A DT 4 8_665 ? ? ? ? ? ? WATSON-CRICK ? ? ? 
hydrog8  hydrog ? ? A DA 3 N6 ? ? ? 1_555 A DT 4 O4 ? ? A DA 3 A DT 4 8_665 ? ? ? ? ? ? WATSON-CRICK ? ? ? 
hydrog9  hydrog ? ? A DT 4 N3 ? ? ? 1_555 A DA 3 N1 ? ? A DT 4 A DA 3 8_665 ? ? ? ? ? ? WATSON-CRICK ? ? ? 
hydrog10 hydrog ? ? A DT 4 O4 ? ? ? 1_555 A DA 3 N6 ? ? A DT 4 A DA 3 8_665 ? ? ? ? ? ? WATSON-CRICK ? ? ? 
hydrog11 hydrog ? ? A DC 5 N3 ? ? ? 1_555 A DG 2 N1 ? ? A DC 5 A DG 2 8_665 ? ? ? ? ? ? WATSON-CRICK ? ? ? 
hydrog12 hydrog ? ? A DC 5 N4 ? ? ? 1_555 A DG 2 O6 ? ? A DC 5 A DG 2 8_665 ? ? ? ? ? ? WATSON-CRICK ? ? ? 
hydrog13 hydrog ? ? A DC 5 O2 ? ? ? 1_555 A DG 2 N2 ? ? A DC 5 A DG 2 8_665 ? ? ? ? ? ? WATSON-CRICK ? ? ? 
hydrog14 hydrog ? ? A DG 6 N1 ? ? ? 1_555 A DC 1 N3 ? ? A DG 6 A DC 1 8_665 ? ? ? ? ? ? WATSON-CRICK ? ? ? 
hydrog15 hydrog ? ? A DG 6 N2 ? ? ? 1_555 A DC 1 O2 ? ? A DG 6 A DC 1 8_665 ? ? ? ? ? ? WATSON-CRICK ? ? ? 
hydrog16 hydrog ? ? A DG 6 O6 ? ? ? 1_555 A DC 1 N4 ? ? A DG 6 A DC 1 8_665 ? ? ? ? ? ? WATSON-CRICK ? ? ? 
# 
_struct_conn_type.id          hydrog 
_struct_conn_type.criteria    ? 
_struct_conn_type.reference   ? 
# 
loop_
_struct_site.id 
_struct_site.pdbx_evidence_code 
_struct_site.pdbx_auth_asym_id 
_struct_site.pdbx_auth_comp_id 
_struct_site.pdbx_auth_seq_id 
_struct_site.pdbx_auth_ins_code 
_struct_site.pdbx_num_residues 
_struct_site.details 
AC1 Software A DM1 7 ? 9  'BINDING SITE FOR RESIDUE DM1 A 7' 
AC2 Software A SPM 8 ? 11 'BINDING SITE FOR RESIDUE SPM A 8' 
AC3 Software A NA  9 ? 5  'BINDING SITE FOR RESIDUE NA A 9'  
1   ?        ? ?   ? ? ?  ?                                  
# 
loop_
_struct_site_gen.id 
_struct_site_gen.site_id 
_struct_site_gen.pdbx_num_res 
_struct_site_gen.label_comp_id 
_struct_site_gen.label_asym_id 
_struct_site_gen.label_seq_id 
_struct_site_gen.pdbx_auth_ins_code 
_struct_site_gen.auth_comp_id 
_struct_site_gen.auth_asym_id 
_struct_site_gen.auth_seq_id 
_struct_site_gen.label_atom_id 
_struct_site_gen.label_alt_id 
_struct_site_gen.symmetry 
_struct_site_gen.details 
1  AC1 9  DC  A 1 ? DC  A 1  . ? 8_665 ? 
2  AC1 9  DG  A 2 ? DG  A 2  . ? 8_665 ? 
3  AC1 9  DA  A 3 ? DA  A 3  . ? 8_665 ? 
4  AC1 9  DT  A 4 ? DT  A 4  . ? 1_555 ? 
5  AC1 9  DC  A 5 ? DC  A 5  . ? 1_555 ? 
6  AC1 9  DG  A 6 ? DG  A 6  . ? 1_555 ? 
7  AC1 9  SPM C . ? SPM A 8  . ? 8_665 ? 
8  AC1 9  NA  D . ? NA  A 9  . ? 8_665 ? 
9  AC1 9  HOH E . ? HOH A 32 . ? 1_555 ? 
10 AC2 11 DG  A 2 ? DG  A 2  . ? 8_665 ? 
11 AC2 11 DG  A 2 ? DG  A 2  . ? 1_555 ? 
12 AC2 11 DA  A 3 ? DA  A 3  . ? 8_665 ? 
13 AC2 11 DT  A 4 ? DT  A 4  . ? 8_665 ? 
14 AC2 11 DC  A 5 ? DC  A 5  . ? 8_665 ? 
15 AC2 11 DG  A 6 ? DG  A 6  . ? 3_545 ? 
16 AC2 11 DM1 B . ? DM1 A 7  . ? 8_665 ? 
17 AC2 11 HOH E . ? HOH A 27 . ? 8_665 ? 
18 AC2 11 HOH E . ? HOH A 50 . ? 8_665 ? 
19 AC2 11 HOH E . ? HOH A 52 . ? 1_555 ? 
20 AC2 11 HOH E . ? HOH A 59 . ? 1_555 ? 
21 AC3 5  DG  A 6 ? DG  A 6  . ? 8_665 ? 
22 AC3 5  DM1 B . ? DM1 A 7  . ? 8_665 ? 
23 AC3 5  HOH E . ? HOH A 10 . ? 8_665 ? 
24 AC3 5  HOH E . ? HOH A 11 . ? 8_665 ? 
25 AC3 5  HOH E . ? HOH A 12 . ? 8_665 ? 
# 
loop_
_pdbx_validate_rmsd_bond.id 
_pdbx_validate_rmsd_bond.PDB_model_num 
_pdbx_validate_rmsd_bond.auth_atom_id_1 
_pdbx_validate_rmsd_bond.auth_asym_id_1 
_pdbx_validate_rmsd_bond.auth_comp_id_1 
_pdbx_validate_rmsd_bond.auth_seq_id_1 
_pdbx_validate_rmsd_bond.PDB_ins_code_1 
_pdbx_validate_rmsd_bond.label_alt_id_1 
_pdbx_validate_rmsd_bond.auth_atom_id_2 
_pdbx_validate_rmsd_bond.auth_asym_id_2 
_pdbx_validate_rmsd_bond.auth_comp_id_2 
_pdbx_validate_rmsd_bond.auth_seq_id_2 
_pdbx_validate_rmsd_bond.PDB_ins_code_2 
_pdbx_validate_rmsd_bond.label_alt_id_2 
_pdbx_validate_rmsd_bond.bond_value 
_pdbx_validate_rmsd_bond.bond_target_value 
_pdbx_validate_rmsd_bond.bond_deviation 
_pdbx_validate_rmsd_bond.bond_standard_deviation 
_pdbx_validate_rmsd_bond.linker_flag 
1  1 "C2'" A DC 1 ? ? "C1'" A DC 1 ? ? 1.622 1.519 0.103  0.010 N 
2  1 "O3'" A DC 1 ? ? "C3'" A DC 1 ? ? 1.349 1.419 -0.070 0.006 N 
3  1 N3    A DC 1 ? ? C4    A DC 1 ? ? 1.400 1.335 0.065  0.007 N 
4  1 P     A DG 2 ? ? "O5'" A DG 2 ? ? 1.669 1.593 0.076  0.010 N 
5  1 "C2'" A DG 2 ? ? "C1'" A DG 2 ? ? 1.635 1.519 0.116  0.010 N 
6  1 "O4'" A DG 2 ? ? "C4'" A DG 2 ? ? 1.373 1.446 -0.073 0.010 N 
7  1 C5    A DG 2 ? ? N7    A DG 2 ? ? 1.346 1.388 -0.042 0.006 N 
8  1 N7    A DG 2 ? ? C8    A DG 2 ? ? 1.345 1.305 0.040  0.006 N 
9  1 C2    A DG 2 ? ? N2    A DG 2 ? ? 1.235 1.341 -0.106 0.010 N 
10 1 P     A DA 3 ? ? OP1   A DA 3 ? ? 1.377 1.485 -0.108 0.017 N 
11 1 "C5'" A DA 3 ? ? "C4'" A DA 3 ? ? 1.558 1.512 0.046  0.007 N 
12 1 "C4'" A DA 3 ? ? "C3'" A DA 3 ? ? 1.593 1.529 0.064  0.010 N 
13 1 "O3'" A DA 3 ? ? "C3'" A DA 3 ? ? 1.369 1.419 -0.050 0.006 N 
14 1 C4    A DA 3 ? ? C5    A DA 3 ? ? 1.329 1.383 -0.054 0.007 N 
15 1 C6    A DA 3 ? ? N1    A DA 3 ? ? 1.297 1.351 -0.054 0.007 N 
16 1 P     A DT 4 ? ? OP2   A DT 4 ? ? 1.357 1.485 -0.128 0.017 N 
17 1 "C4'" A DT 4 ? ? "C3'" A DT 4 ? ? 1.632 1.529 0.103  0.010 N 
18 1 "O4'" A DT 4 ? ? "C1'" A DT 4 ? ? 1.490 1.420 0.070  0.011 N 
19 1 P     A DC 5 ? ? "O5'" A DC 5 ? ? 1.668 1.593 0.075  0.010 N 
20 1 "C5'" A DC 5 ? ? "C4'" A DC 5 ? ? 1.570 1.512 0.058  0.007 N 
21 1 "C2'" A DC 5 ? ? "C1'" A DC 5 ? ? 1.584 1.519 0.065  0.010 N 
22 1 "O4'" A DC 5 ? ? "C1'" A DC 5 ? ? 1.343 1.418 -0.075 0.012 N 
23 1 N1    A DC 5 ? ? C6    A DC 5 ? ? 1.424 1.367 0.057  0.006 N 
24 1 C2    A DC 5 ? ? N3    A DC 5 ? ? 1.300 1.353 -0.053 0.008 N 
25 1 N3    A DC 5 ? ? C4    A DC 5 ? ? 1.417 1.335 0.082  0.007 N 
26 1 "O4'" A DG 6 ? ? "C1'" A DG 6 ? ? 1.496 1.420 0.076  0.011 N 
27 1 C6    A DG 6 ? ? N1    A DG 6 ? ? 1.323 1.391 -0.068 0.007 N 
28 1 C8    A DG 6 ? ? N9    A DG 6 ? ? 1.317 1.374 -0.057 0.007 N 
29 1 N9    A DG 6 ? ? C4    A DG 6 ? ? 1.432 1.375 0.057  0.008 N 
30 1 C2    A DG 6 ? ? N2    A DG 6 ? ? 1.230 1.341 -0.111 0.010 N 
# 
loop_
_pdbx_validate_rmsd_angle.id 
_pdbx_validate_rmsd_angle.PDB_model_num 
_pdbx_validate_rmsd_angle.auth_atom_id_1 
_pdbx_validate_rmsd_angle.auth_asym_id_1 
_pdbx_validate_rmsd_angle.auth_comp_id_1 
_pdbx_validate_rmsd_angle.auth_seq_id_1 
_pdbx_validate_rmsd_angle.PDB_ins_code_1 
_pdbx_validate_rmsd_angle.label_alt_id_1 
_pdbx_validate_rmsd_angle.auth_atom_id_2 
_pdbx_validate_rmsd_angle.auth_asym_id_2 
_pdbx_validate_rmsd_angle.auth_comp_id_2 
_pdbx_validate_rmsd_angle.auth_seq_id_2 
_pdbx_validate_rmsd_angle.PDB_ins_code_2 
_pdbx_validate_rmsd_angle.label_alt_id_2 
_pdbx_validate_rmsd_angle.auth_atom_id_3 
_pdbx_validate_rmsd_angle.auth_asym_id_3 
_pdbx_validate_rmsd_angle.auth_comp_id_3 
_pdbx_validate_rmsd_angle.auth_seq_id_3 
_pdbx_validate_rmsd_angle.PDB_ins_code_3 
_pdbx_validate_rmsd_angle.label_alt_id_3 
_pdbx_validate_rmsd_angle.angle_value 
_pdbx_validate_rmsd_angle.angle_target_value 
_pdbx_validate_rmsd_angle.angle_deviation 
_pdbx_validate_rmsd_angle.angle_standard_deviation 
_pdbx_validate_rmsd_angle.linker_flag 
1  1 "C1'" A DC 1 ? ? "O4'" A DC 1 ? ? "C4'" A DC 1 ? ? 115.18 110.30 4.88   0.70 N 
2  1 "O4'" A DC 1 ? ? "C1'" A DC 1 ? ? "C2'" A DC 1 ? ? 100.38 105.90 -5.52  0.80 N 
3  1 C2    A DC 1 ? ? N3    A DC 1 ? ? C4    A DC 1 ? ? 126.35 119.90 6.45   0.50 N 
4  1 N3    A DC 1 ? ? C4    A DC 1 ? ? C5    A DC 1 ? ? 113.57 121.90 -8.33  0.40 N 
5  1 C5    A DC 1 ? ? C6    A DC 1 ? ? N1    A DC 1 ? ? 124.72 121.00 3.72   0.50 N 
6  1 N3    A DC 1 ? ? C4    A DC 1 ? ? N4    A DC 1 ? ? 122.74 118.00 4.74   0.70 N 
7  1 OP1   A DG 2 ? ? P     A DG 2 ? ? OP2   A DG 2 ? ? 131.54 119.60 11.94  1.50 N 
8  1 "O5'" A DG 2 ? ? P     A DG 2 ? ? OP2   A DG 2 ? ? 100.21 105.70 -5.49  0.90 N 
9  1 "O5'" A DG 2 ? ? "C5'" A DG 2 ? ? "C4'" A DG 2 ? ? 102.85 109.40 -6.55  0.80 N 
10 1 "C3'" A DG 2 ? ? "C2'" A DG 2 ? ? "C1'" A DG 2 ? ? 97.50  102.40 -4.90  0.80 N 
11 1 "O4'" A DG 2 ? ? "C1'" A DG 2 ? ? "C2'" A DG 2 ? ? 96.48  105.90 -9.42  0.80 N 
12 1 "O4'" A DG 2 ? ? "C1'" A DG 2 ? ? N9    A DG 2 ? ? 114.72 108.30 6.42   0.30 N 
13 1 C6    A DG 2 ? ? N1    A DG 2 ? ? C2    A DG 2 ? ? 116.24 125.10 -8.86  0.60 N 
14 1 N1    A DG 2 ? ? C2    A DG 2 ? ? N3    A DG 2 ? ? 130.02 123.90 6.12   0.60 N 
15 1 C4    A DG 2 ? ? C5    A DG 2 ? ? C6    A DG 2 ? ? 113.63 118.80 -5.17  0.60 N 
16 1 C5    A DG 2 ? ? C6    A DG 2 ? ? N1    A DG 2 ? ? 121.35 111.50 9.85   0.50 N 
17 1 N3    A DG 2 ? ? C2    A DG 2 ? ? N2    A DG 2 ? ? 111.47 119.90 -8.43  0.70 N 
18 1 N1    A DG 2 ? ? C6    A DG 2 ? ? O6    A DG 2 ? ? 114.79 119.90 -5.11  0.60 N 
19 1 C5    A DG 2 ? ? C6    A DG 2 ? ? O6    A DG 2 ? ? 123.60 128.60 -5.00  0.60 N 
20 1 "O5'" A DA 3 ? ? "C5'" A DA 3 ? ? "C4'" A DA 3 ? ? 95.01  109.40 -14.39 0.80 N 
21 1 "O4'" A DA 3 ? ? "C1'" A DA 3 ? ? N9    A DA 3 ? ? 102.83 108.00 -5.17  0.70 N 
22 1 N1    A DA 3 ? ? C2    A DA 3 ? ? N3    A DA 3 ? ? 132.32 129.30 3.02   0.50 N 
23 1 C2    A DA 3 ? ? N3    A DA 3 ? ? C4    A DA 3 ? ? 107.42 110.60 -3.18  0.50 N 
24 1 OP1   A DT 4 ? ? P     A DT 4 ? ? OP2   A DT 4 ? ? 128.94 119.60 9.34   1.50 N 
25 1 OP1   A DC 5 ? ? P     A DC 5 ? ? OP2   A DC 5 ? ? 129.14 119.60 9.54   1.50 N 
26 1 "O5'" A DC 5 ? ? P     A DC 5 ? ? OP1   A DC 5 ? ? 97.31  105.70 -8.39  0.90 N 
27 1 "O5'" A DC 5 ? ? "C5'" A DC 5 ? ? "C4'" A DC 5 ? ? 101.80 109.40 -7.60  0.80 N 
28 1 "C3'" A DC 5 ? ? "C2'" A DC 5 ? ? "C1'" A DC 5 ? ? 97.49  102.40 -4.91  0.80 N 
29 1 "O4'" A DC 5 ? ? "C1'" A DC 5 ? ? N1    A DC 5 ? ? 117.20 108.30 8.90   0.30 N 
30 1 C6    A DC 5 ? ? N1    A DC 5 ? ? C2    A DC 5 ? ? 116.79 120.30 -3.51  0.40 N 
31 1 C2    A DC 5 ? ? N3    A DC 5 ? ? C4    A DC 5 ? ? 124.31 119.90 4.41   0.50 N 
32 1 N3    A DC 5 ? ? C4    A DC 5 ? ? C5    A DC 5 ? ? 116.61 121.90 -5.29  0.40 N 
33 1 C5    A DC 5 ? ? C6    A DC 5 ? ? N1    A DC 5 ? ? 125.22 121.00 4.22   0.50 N 
34 1 "O5'" A DG 6 ? ? P     A DG 6 ? ? OP1   A DG 6 ? ? 99.59  105.70 -6.11  0.90 N 
35 1 "O4'" A DG 6 ? ? "C1'" A DG 6 ? ? N9    A DG 6 ? ? 100.67 108.00 -7.33  0.70 N 
36 1 C6    A DG 6 ? ? N1    A DG 6 ? ? C2    A DG 6 ? ? 118.48 125.10 -6.62  0.60 N 
37 1 N1    A DG 6 ? ? C2    A DG 6 ? ? N3    A DG 6 ? ? 127.91 123.90 4.01   0.60 N 
38 1 C5    A DG 6 ? ? C6    A DG 6 ? ? N1    A DG 6 ? ? 118.70 111.50 7.20   0.50 N 
39 1 N9    A DG 6 ? ? C4    A DG 6 ? ? C5    A DG 6 ? ? 102.15 105.40 -3.25  0.40 N 
40 1 N3    A DG 6 ? ? C2    A DG 6 ? ? N2    A DG 6 ? ? 111.99 119.90 -7.91  0.70 N 
41 1 C5    A DG 6 ? ? C6    A DG 6 ? ? O6    A DG 6 ? ? 123.11 128.60 -5.49  0.60 N 
# 
_struct_site_keywords.site_id   1 
_struct_site_keywords.text      INTERCALATION 
# 
loop_
_refine_B_iso.class 
_refine_B_iso.details 
_refine_B_iso.treatment 
_refine_B_iso.pdbx_refine_id 
'ALL ATOMS'  TR isotropic 'X-RAY DIFFRACTION' 
'ALL WATERS' TR isotropic 'X-RAY DIFFRACTION' 
# 
loop_
_refine_occupancy.class 
_refine_occupancy.treatment 
_refine_occupancy.pdbx_refine_id 
'ALL ATOMS'  fix 'X-RAY DIFFRACTION' 
'ALL WATERS' fix 'X-RAY DIFFRACTION' 
# 
loop_
_chem_comp_atom.comp_id 
_chem_comp_atom.atom_id 
_chem_comp_atom.type_symbol 
_chem_comp_atom.pdbx_aromatic_flag 
_chem_comp_atom.pdbx_stereo_config 
_chem_comp_atom.pdbx_ordinal 
DA  OP3    O  N N 1   
DA  P      P  N N 2   
DA  OP1    O  N N 3   
DA  OP2    O  N N 4   
DA  "O5'"  O  N N 5   
DA  "C5'"  C  N N 6   
DA  "C4'"  C  N R 7   
DA  "O4'"  O  N N 8   
DA  "C3'"  C  N S 9   
DA  "O3'"  O  N N 10  
DA  "C2'"  C  N N 11  
DA  "C1'"  C  N R 12  
DA  N9     N  Y N 13  
DA  C8     C  Y N 14  
DA  N7     N  Y N 15  
DA  C5     C  Y N 16  
DA  C6     C  Y N 17  
DA  N6     N  N N 18  
DA  N1     N  Y N 19  
DA  C2     C  Y N 20  
DA  N3     N  Y N 21  
DA  C4     C  Y N 22  
DA  HOP3   H  N N 23  
DA  HOP2   H  N N 24  
DA  "H5'"  H  N N 25  
DA  "H5''" H  N N 26  
DA  "H4'"  H  N N 27  
DA  "H3'"  H  N N 28  
DA  "HO3'" H  N N 29  
DA  "H2'"  H  N N 30  
DA  "H2''" H  N N 31  
DA  "H1'"  H  N N 32  
DA  H8     H  N N 33  
DA  H61    H  N N 34  
DA  H62    H  N N 35  
DA  H2     H  N N 36  
DC  OP3    O  N N 37  
DC  P      P  N N 38  
DC  OP1    O  N N 39  
DC  OP2    O  N N 40  
DC  "O5'"  O  N N 41  
DC  "C5'"  C  N N 42  
DC  "C4'"  C  N R 43  
DC  "O4'"  O  N N 44  
DC  "C3'"  C  N S 45  
DC  "O3'"  O  N N 46  
DC  "C2'"  C  N N 47  
DC  "C1'"  C  N R 48  
DC  N1     N  N N 49  
DC  C2     C  N N 50  
DC  O2     O  N N 51  
DC  N3     N  N N 52  
DC  C4     C  N N 53  
DC  N4     N  N N 54  
DC  C5     C  N N 55  
DC  C6     C  N N 56  
DC  HOP3   H  N N 57  
DC  HOP2   H  N N 58  
DC  "H5'"  H  N N 59  
DC  "H5''" H  N N 60  
DC  "H4'"  H  N N 61  
DC  "H3'"  H  N N 62  
DC  "HO3'" H  N N 63  
DC  "H2'"  H  N N 64  
DC  "H2''" H  N N 65  
DC  "H1'"  H  N N 66  
DC  H41    H  N N 67  
DC  H42    H  N N 68  
DC  H5     H  N N 69  
DC  H6     H  N N 70  
DG  OP3    O  N N 71  
DG  P      P  N N 72  
DG  OP1    O  N N 73  
DG  OP2    O  N N 74  
DG  "O5'"  O  N N 75  
DG  "C5'"  C  N N 76  
DG  "C4'"  C  N R 77  
DG  "O4'"  O  N N 78  
DG  "C3'"  C  N S 79  
DG  "O3'"  O  N N 80  
DG  "C2'"  C  N N 81  
DG  "C1'"  C  N R 82  
DG  N9     N  Y N 83  
DG  C8     C  Y N 84  
DG  N7     N  Y N 85  
DG  C5     C  Y N 86  
DG  C6     C  N N 87  
DG  O6     O  N N 88  
DG  N1     N  N N 89  
DG  C2     C  N N 90  
DG  N2     N  N N 91  
DG  N3     N  N N 92  
DG  C4     C  Y N 93  
DG  HOP3   H  N N 94  
DG  HOP2   H  N N 95  
DG  "H5'"  H  N N 96  
DG  "H5''" H  N N 97  
DG  "H4'"  H  N N 98  
DG  "H3'"  H  N N 99  
DG  "HO3'" H  N N 100 
DG  "H2'"  H  N N 101 
DG  "H2''" H  N N 102 
DG  "H1'"  H  N N 103 
DG  H8     H  N N 104 
DG  H1     H  N N 105 
DG  H21    H  N N 106 
DG  H22    H  N N 107 
DM1 C1     C  Y N 108 
DM1 C2     C  Y N 109 
DM1 C3     C  Y N 110 
DM1 C4     C  Y N 111 
DM1 O4     O  N N 112 
DM1 C5     C  Y N 113 
DM1 C6     C  N N 114 
DM1 O6     O  N N 115 
DM1 C7     C  Y N 116 
DM1 C8     C  Y N 117 
DM1 O8     O  N N 118 
DM1 C9     C  Y N 119 
DM1 C10    C  N S 120 
DM1 O10    O  N N 121 
DM1 C11    C  N N 122 
DM1 C12    C  N S 123 
DM1 O12    O  N N 124 
DM1 C13    C  N N 125 
DM1 O13    O  N N 126 
DM1 C14    C  N N 127 
DM1 C15    C  N N 128 
DM1 C16    C  Y N 129 
DM1 C17    C  Y N 130 
DM1 O17    O  N N 131 
DM1 C18    C  Y N 132 
DM1 C19    C  N N 133 
DM1 O19    O  N N 134 
DM1 C20    C  Y N 135 
DM1 C21    C  N N 136 
DM1 "C1'"  C  N R 137 
DM1 "C2'"  C  N N 138 
DM1 "C3'"  C  N S 139 
DM1 "N3'"  N  N N 140 
DM1 "C4'"  C  N S 141 
DM1 "O4'"  O  N N 142 
DM1 "C5'"  C  N S 143 
DM1 "O5'"  O  N N 144 
DM1 "C6'"  C  N N 145 
DM1 H1     H  N N 146 
DM1 H2     H  N N 147 
DM1 H3     H  N N 148 
DM1 HO8    H  N N 149 
DM1 H10    H  N N 150 
DM1 H111   H  N N 151 
DM1 H112   H  N N 152 
DM1 HO12   H  N N 153 
DM1 H141   H  N N 154 
DM1 H142   H  N N 155 
DM1 H143   H  N N 156 
DM1 H151   H  N N 157 
DM1 H152   H  N N 158 
DM1 HO17   H  N N 159 
DM1 H211   H  N N 160 
DM1 H212   H  N N 161 
DM1 H213   H  N N 162 
DM1 "H1'"  H  N N 163 
DM1 "H2'1" H  N N 164 
DM1 "H2'2" H  N N 165 
DM1 "H3'"  H  N N 166 
DM1 "HN'1" H  N N 167 
DM1 "HN'2" H  N N 168 
DM1 "H4'"  H  N N 169 
DM1 "HO4'" H  N N 170 
DM1 "H5'"  H  N N 171 
DM1 "H6'1" H  N N 172 
DM1 "H6'2" H  N N 173 
DM1 "H6'3" H  N N 174 
DT  OP3    O  N N 175 
DT  P      P  N N 176 
DT  OP1    O  N N 177 
DT  OP2    O  N N 178 
DT  "O5'"  O  N N 179 
DT  "C5'"  C  N N 180 
DT  "C4'"  C  N R 181 
DT  "O4'"  O  N N 182 
DT  "C3'"  C  N S 183 
DT  "O3'"  O  N N 184 
DT  "C2'"  C  N N 185 
DT  "C1'"  C  N R 186 
DT  N1     N  N N 187 
DT  C2     C  N N 188 
DT  O2     O  N N 189 
DT  N3     N  N N 190 
DT  C4     C  N N 191 
DT  O4     O  N N 192 
DT  C5     C  N N 193 
DT  C7     C  N N 194 
DT  C6     C  N N 195 
DT  HOP3   H  N N 196 
DT  HOP2   H  N N 197 
DT  "H5'"  H  N N 198 
DT  "H5''" H  N N 199 
DT  "H4'"  H  N N 200 
DT  "H3'"  H  N N 201 
DT  "HO3'" H  N N 202 
DT  "H2'"  H  N N 203 
DT  "H2''" H  N N 204 
DT  "H1'"  H  N N 205 
DT  H3     H  N N 206 
DT  H71    H  N N 207 
DT  H72    H  N N 208 
DT  H73    H  N N 209 
DT  H6     H  N N 210 
HOH O      O  N N 211 
HOH H1     H  N N 212 
HOH H2     H  N N 213 
NA  NA     NA N N 214 
SPM N1     N  N N 215 
SPM C2     C  N N 216 
SPM C3     C  N N 217 
SPM C4     C  N N 218 
SPM N5     N  N N 219 
SPM C6     C  N N 220 
SPM C7     C  N N 221 
SPM C8     C  N N 222 
SPM C9     C  N N 223 
SPM N10    N  N N 224 
SPM C11    C  N N 225 
SPM C12    C  N N 226 
SPM C13    C  N N 227 
SPM N14    N  N N 228 
SPM HN11   H  N N 229 
SPM HN12   H  N N 230 
SPM H21    H  N N 231 
SPM H22    H  N N 232 
SPM H31    H  N N 233 
SPM H32    H  N N 234 
SPM H41    H  N N 235 
SPM H42    H  N N 236 
SPM HN5    H  N N 237 
SPM H61    H  N N 238 
SPM H62    H  N N 239 
SPM H71    H  N N 240 
SPM H72    H  N N 241 
SPM H81    H  N N 242 
SPM H82    H  N N 243 
SPM H91    H  N N 244 
SPM H92    H  N N 245 
SPM HN0    H  N N 246 
SPM H111   H  N N 247 
SPM H112   H  N N 248 
SPM H121   H  N N 249 
SPM H122   H  N N 250 
SPM H131   H  N N 251 
SPM H132   H  N N 252 
SPM HN41   H  N N 253 
SPM HN42   H  N N 254 
# 
loop_
_chem_comp_bond.comp_id 
_chem_comp_bond.atom_id_1 
_chem_comp_bond.atom_id_2 
_chem_comp_bond.value_order 
_chem_comp_bond.pdbx_aromatic_flag 
_chem_comp_bond.pdbx_stereo_config 
_chem_comp_bond.pdbx_ordinal 
DA  OP3   P      sing N N 1   
DA  OP3   HOP3   sing N N 2   
DA  P     OP1    doub N N 3   
DA  P     OP2    sing N N 4   
DA  P     "O5'"  sing N N 5   
DA  OP2   HOP2   sing N N 6   
DA  "O5'" "C5'"  sing N N 7   
DA  "C5'" "C4'"  sing N N 8   
DA  "C5'" "H5'"  sing N N 9   
DA  "C5'" "H5''" sing N N 10  
DA  "C4'" "O4'"  sing N N 11  
DA  "C4'" "C3'"  sing N N 12  
DA  "C4'" "H4'"  sing N N 13  
DA  "O4'" "C1'"  sing N N 14  
DA  "C3'" "O3'"  sing N N 15  
DA  "C3'" "C2'"  sing N N 16  
DA  "C3'" "H3'"  sing N N 17  
DA  "O3'" "HO3'" sing N N 18  
DA  "C2'" "C1'"  sing N N 19  
DA  "C2'" "H2'"  sing N N 20  
DA  "C2'" "H2''" sing N N 21  
DA  "C1'" N9     sing N N 22  
DA  "C1'" "H1'"  sing N N 23  
DA  N9    C8     sing Y N 24  
DA  N9    C4     sing Y N 25  
DA  C8    N7     doub Y N 26  
DA  C8    H8     sing N N 27  
DA  N7    C5     sing Y N 28  
DA  C5    C6     sing Y N 29  
DA  C5    C4     doub Y N 30  
DA  C6    N6     sing N N 31  
DA  C6    N1     doub Y N 32  
DA  N6    H61    sing N N 33  
DA  N6    H62    sing N N 34  
DA  N1    C2     sing Y N 35  
DA  C2    N3     doub Y N 36  
DA  C2    H2     sing N N 37  
DA  N3    C4     sing Y N 38  
DC  OP3   P      sing N N 39  
DC  OP3   HOP3   sing N N 40  
DC  P     OP1    doub N N 41  
DC  P     OP2    sing N N 42  
DC  P     "O5'"  sing N N 43  
DC  OP2   HOP2   sing N N 44  
DC  "O5'" "C5'"  sing N N 45  
DC  "C5'" "C4'"  sing N N 46  
DC  "C5'" "H5'"  sing N N 47  
DC  "C5'" "H5''" sing N N 48  
DC  "C4'" "O4'"  sing N N 49  
DC  "C4'" "C3'"  sing N N 50  
DC  "C4'" "H4'"  sing N N 51  
DC  "O4'" "C1'"  sing N N 52  
DC  "C3'" "O3'"  sing N N 53  
DC  "C3'" "C2'"  sing N N 54  
DC  "C3'" "H3'"  sing N N 55  
DC  "O3'" "HO3'" sing N N 56  
DC  "C2'" "C1'"  sing N N 57  
DC  "C2'" "H2'"  sing N N 58  
DC  "C2'" "H2''" sing N N 59  
DC  "C1'" N1     sing N N 60  
DC  "C1'" "H1'"  sing N N 61  
DC  N1    C2     sing N N 62  
DC  N1    C6     sing N N 63  
DC  C2    O2     doub N N 64  
DC  C2    N3     sing N N 65  
DC  N3    C4     doub N N 66  
DC  C4    N4     sing N N 67  
DC  C4    C5     sing N N 68  
DC  N4    H41    sing N N 69  
DC  N4    H42    sing N N 70  
DC  C5    C6     doub N N 71  
DC  C5    H5     sing N N 72  
DC  C6    H6     sing N N 73  
DG  OP3   P      sing N N 74  
DG  OP3   HOP3   sing N N 75  
DG  P     OP1    doub N N 76  
DG  P     OP2    sing N N 77  
DG  P     "O5'"  sing N N 78  
DG  OP2   HOP2   sing N N 79  
DG  "O5'" "C5'"  sing N N 80  
DG  "C5'" "C4'"  sing N N 81  
DG  "C5'" "H5'"  sing N N 82  
DG  "C5'" "H5''" sing N N 83  
DG  "C4'" "O4'"  sing N N 84  
DG  "C4'" "C3'"  sing N N 85  
DG  "C4'" "H4'"  sing N N 86  
DG  "O4'" "C1'"  sing N N 87  
DG  "C3'" "O3'"  sing N N 88  
DG  "C3'" "C2'"  sing N N 89  
DG  "C3'" "H3'"  sing N N 90  
DG  "O3'" "HO3'" sing N N 91  
DG  "C2'" "C1'"  sing N N 92  
DG  "C2'" "H2'"  sing N N 93  
DG  "C2'" "H2''" sing N N 94  
DG  "C1'" N9     sing N N 95  
DG  "C1'" "H1'"  sing N N 96  
DG  N9    C8     sing Y N 97  
DG  N9    C4     sing Y N 98  
DG  C8    N7     doub Y N 99  
DG  C8    H8     sing N N 100 
DG  N7    C5     sing Y N 101 
DG  C5    C6     sing N N 102 
DG  C5    C4     doub Y N 103 
DG  C6    O6     doub N N 104 
DG  C6    N1     sing N N 105 
DG  N1    C2     sing N N 106 
DG  N1    H1     sing N N 107 
DG  C2    N2     sing N N 108 
DG  C2    N3     doub N N 109 
DG  N2    H21    sing N N 110 
DG  N2    H22    sing N N 111 
DG  N3    C4     sing N N 112 
DM1 C1    C2     doub Y N 113 
DM1 C1    C20    sing Y N 114 
DM1 C1    H1     sing N N 115 
DM1 C2    C3     sing Y N 116 
DM1 C2    H2     sing N N 117 
DM1 C3    C4     doub Y N 118 
DM1 C3    H3     sing N N 119 
DM1 C4    O4     sing N N 120 
DM1 C4    C5     sing Y N 121 
DM1 O4    C21    sing N N 122 
DM1 C5    C6     sing N N 123 
DM1 C5    C20    doub Y N 124 
DM1 C6    O6     doub N N 125 
DM1 C6    C7     sing N N 126 
DM1 C7    C8     doub Y N 127 
DM1 C7    C18    sing Y N 128 
DM1 C8    O8     sing N N 129 
DM1 C8    C9     sing Y N 130 
DM1 O8    HO8    sing N N 131 
DM1 C9    C10    sing N N 132 
DM1 C9    C16    doub Y N 133 
DM1 C10   O10    sing N N 134 
DM1 C10   C11    sing N N 135 
DM1 C10   H10    sing N N 136 
DM1 O10   "C1'"  sing N N 137 
DM1 C11   C12    sing N N 138 
DM1 C11   H111   sing N N 139 
DM1 C11   H112   sing N N 140 
DM1 C12   O12    sing N N 141 
DM1 C12   C13    sing N N 142 
DM1 C12   C15    sing N N 143 
DM1 O12   HO12   sing N N 144 
DM1 C13   O13    doub N N 145 
DM1 C13   C14    sing N N 146 
DM1 C14   H141   sing N N 147 
DM1 C14   H142   sing N N 148 
DM1 C14   H143   sing N N 149 
DM1 C15   C16    sing N N 150 
DM1 C15   H151   sing N N 151 
DM1 C15   H152   sing N N 152 
DM1 C16   C17    sing Y N 153 
DM1 C17   O17    sing N N 154 
DM1 C17   C18    doub Y N 155 
DM1 O17   HO17   sing N N 156 
DM1 C18   C19    sing N N 157 
DM1 C19   O19    doub N N 158 
DM1 C19   C20    sing N N 159 
DM1 C21   H211   sing N N 160 
DM1 C21   H212   sing N N 161 
DM1 C21   H213   sing N N 162 
DM1 "C1'" "C2'"  sing N N 163 
DM1 "C1'" "O5'"  sing N N 164 
DM1 "C1'" "H1'"  sing N N 165 
DM1 "C2'" "C3'"  sing N N 166 
DM1 "C2'" "H2'1" sing N N 167 
DM1 "C2'" "H2'2" sing N N 168 
DM1 "C3'" "N3'"  sing N N 169 
DM1 "C3'" "C4'"  sing N N 170 
DM1 "C3'" "H3'"  sing N N 171 
DM1 "N3'" "HN'1" sing N N 172 
DM1 "N3'" "HN'2" sing N N 173 
DM1 "C4'" "O4'"  sing N N 174 
DM1 "C4'" "C5'"  sing N N 175 
DM1 "C4'" "H4'"  sing N N 176 
DM1 "O4'" "HO4'" sing N N 177 
DM1 "C5'" "O5'"  sing N N 178 
DM1 "C5'" "C6'"  sing N N 179 
DM1 "C5'" "H5'"  sing N N 180 
DM1 "C6'" "H6'1" sing N N 181 
DM1 "C6'" "H6'2" sing N N 182 
DM1 "C6'" "H6'3" sing N N 183 
DT  OP3   P      sing N N 184 
DT  OP3   HOP3   sing N N 185 
DT  P     OP1    doub N N 186 
DT  P     OP2    sing N N 187 
DT  P     "O5'"  sing N N 188 
DT  OP2   HOP2   sing N N 189 
DT  "O5'" "C5'"  sing N N 190 
DT  "C5'" "C4'"  sing N N 191 
DT  "C5'" "H5'"  sing N N 192 
DT  "C5'" "H5''" sing N N 193 
DT  "C4'" "O4'"  sing N N 194 
DT  "C4'" "C3'"  sing N N 195 
DT  "C4'" "H4'"  sing N N 196 
DT  "O4'" "C1'"  sing N N 197 
DT  "C3'" "O3'"  sing N N 198 
DT  "C3'" "C2'"  sing N N 199 
DT  "C3'" "H3'"  sing N N 200 
DT  "O3'" "HO3'" sing N N 201 
DT  "C2'" "C1'"  sing N N 202 
DT  "C2'" "H2'"  sing N N 203 
DT  "C2'" "H2''" sing N N 204 
DT  "C1'" N1     sing N N 205 
DT  "C1'" "H1'"  sing N N 206 
DT  N1    C2     sing N N 207 
DT  N1    C6     sing N N 208 
DT  C2    O2     doub N N 209 
DT  C2    N3     sing N N 210 
DT  N3    C4     sing N N 211 
DT  N3    H3     sing N N 212 
DT  C4    O4     doub N N 213 
DT  C4    C5     sing N N 214 
DT  C5    C7     sing N N 215 
DT  C5    C6     doub N N 216 
DT  C7    H71    sing N N 217 
DT  C7    H72    sing N N 218 
DT  C7    H73    sing N N 219 
DT  C6    H6     sing N N 220 
HOH O     H1     sing N N 221 
HOH O     H2     sing N N 222 
SPM N1    C2     sing N N 223 
SPM N1    HN11   sing N N 224 
SPM N1    HN12   sing N N 225 
SPM C2    C3     sing N N 226 
SPM C2    H21    sing N N 227 
SPM C2    H22    sing N N 228 
SPM C3    C4     sing N N 229 
SPM C3    H31    sing N N 230 
SPM C3    H32    sing N N 231 
SPM C4    N5     sing N N 232 
SPM C4    H41    sing N N 233 
SPM C4    H42    sing N N 234 
SPM N5    C6     sing N N 235 
SPM N5    HN5    sing N N 236 
SPM C6    C7     sing N N 237 
SPM C6    H61    sing N N 238 
SPM C6    H62    sing N N 239 
SPM C7    C8     sing N N 240 
SPM C7    H71    sing N N 241 
SPM C7    H72    sing N N 242 
SPM C8    C9     sing N N 243 
SPM C8    H81    sing N N 244 
SPM C8    H82    sing N N 245 
SPM C9    N10    sing N N 246 
SPM C9    H91    sing N N 247 
SPM C9    H92    sing N N 248 
SPM N10   C11    sing N N 249 
SPM N10   HN0    sing N N 250 
SPM C11   C12    sing N N 251 
SPM C11   H111   sing N N 252 
SPM C11   H112   sing N N 253 
SPM C12   C13    sing N N 254 
SPM C12   H121   sing N N 255 
SPM C12   H122   sing N N 256 
SPM C13   N14    sing N N 257 
SPM C13   H131   sing N N 258 
SPM C13   H132   sing N N 259 
SPM N14   HN41   sing N N 260 
SPM N14   HN42   sing N N 261 
# 
_ndb_struct_conf_na.entry_id   1D10 
_ndb_struct_conf_na.feature    'b-form double helix' 
# 
loop_
_ndb_struct_na_base_pair.model_number 
_ndb_struct_na_base_pair.i_label_asym_id 
_ndb_struct_na_base_pair.i_label_comp_id 
_ndb_struct_na_base_pair.i_label_seq_id 
_ndb_struct_na_base_pair.i_symmetry 
_ndb_struct_na_base_pair.j_label_asym_id 
_ndb_struct_na_base_pair.j_label_comp_id 
_ndb_struct_na_base_pair.j_label_seq_id 
_ndb_struct_na_base_pair.j_symmetry 
_ndb_struct_na_base_pair.shear 
_ndb_struct_na_base_pair.stretch 
_ndb_struct_na_base_pair.stagger 
_ndb_struct_na_base_pair.buckle 
_ndb_struct_na_base_pair.propeller 
_ndb_struct_na_base_pair.opening 
_ndb_struct_na_base_pair.pair_number 
_ndb_struct_na_base_pair.pair_name 
_ndb_struct_na_base_pair.i_auth_asym_id 
_ndb_struct_na_base_pair.i_auth_seq_id 
_ndb_struct_na_base_pair.i_PDB_ins_code 
_ndb_struct_na_base_pair.j_auth_asym_id 
_ndb_struct_na_base_pair.j_auth_seq_id 
_ndb_struct_na_base_pair.j_PDB_ins_code 
_ndb_struct_na_base_pair.hbond_type_28 
_ndb_struct_na_base_pair.hbond_type_12 
1 A DC 1 1_555 A DG 6 8_665 0.212  -0.177 -0.174 9.465   1.587  -2.062 1 A_DC1:DG6_A A 1 ? A 6 ? 19 1 
1 A DG 2 1_555 A DC 5 8_665 -0.086 -0.168 -0.236 -16.287 0.246  -0.407 2 A_DG2:DC5_A A 2 ? A 5 ? 19 1 
1 A DA 3 1_555 A DT 4 8_665 0.069  -0.055 0.062  -6.655  -3.311 3.025  3 A_DA3:DT4_A A 3 ? A 4 ? 20 1 
1 A DT 4 1_555 A DA 3 8_665 -0.069 -0.055 0.062  6.655   -3.311 3.025  4 A_DT4:DA3_A A 4 ? A 3 ? 20 1 
1 A DC 5 1_555 A DG 2 8_665 0.086  -0.168 -0.236 16.287  0.246  -0.407 5 A_DC5:DG2_A A 5 ? A 2 ? 19 1 
1 A DG 6 1_555 A DC 1 8_665 -0.212 -0.177 -0.174 -9.465  1.587  -2.062 6 A_DG6:DC1_A A 6 ? A 1 ? 19 1 
# 
loop_
_ndb_struct_na_base_pair_step.model_number 
_ndb_struct_na_base_pair_step.i_label_asym_id_1 
_ndb_struct_na_base_pair_step.i_label_comp_id_1 
_ndb_struct_na_base_pair_step.i_label_seq_id_1 
_ndb_struct_na_base_pair_step.i_symmetry_1 
_ndb_struct_na_base_pair_step.j_label_asym_id_1 
_ndb_struct_na_base_pair_step.j_label_comp_id_1 
_ndb_struct_na_base_pair_step.j_label_seq_id_1 
_ndb_struct_na_base_pair_step.j_symmetry_1 
_ndb_struct_na_base_pair_step.i_label_asym_id_2 
_ndb_struct_na_base_pair_step.i_label_comp_id_2 
_ndb_struct_na_base_pair_step.i_label_seq_id_2 
_ndb_struct_na_base_pair_step.i_symmetry_2 
_ndb_struct_na_base_pair_step.j_label_asym_id_2 
_ndb_struct_na_base_pair_step.j_label_comp_id_2 
_ndb_struct_na_base_pair_step.j_label_seq_id_2 
_ndb_struct_na_base_pair_step.j_symmetry_2 
_ndb_struct_na_base_pair_step.shift 
_ndb_struct_na_base_pair_step.slide 
_ndb_struct_na_base_pair_step.rise 
_ndb_struct_na_base_pair_step.tilt 
_ndb_struct_na_base_pair_step.roll 
_ndb_struct_na_base_pair_step.twist 
_ndb_struct_na_base_pair_step.x_displacement 
_ndb_struct_na_base_pair_step.y_displacement 
_ndb_struct_na_base_pair_step.helical_rise 
_ndb_struct_na_base_pair_step.inclination 
_ndb_struct_na_base_pair_step.tip 
_ndb_struct_na_base_pair_step.helical_twist 
_ndb_struct_na_base_pair_step.step_number 
_ndb_struct_na_base_pair_step.step_name 
_ndb_struct_na_base_pair_step.i_auth_asym_id_1 
_ndb_struct_na_base_pair_step.i_auth_seq_id_1 
_ndb_struct_na_base_pair_step.i_PDB_ins_code_1 
_ndb_struct_na_base_pair_step.j_auth_asym_id_1 
_ndb_struct_na_base_pair_step.j_auth_seq_id_1 
_ndb_struct_na_base_pair_step.j_PDB_ins_code_1 
_ndb_struct_na_base_pair_step.i_auth_asym_id_2 
_ndb_struct_na_base_pair_step.i_auth_seq_id_2 
_ndb_struct_na_base_pair_step.i_PDB_ins_code_2 
_ndb_struct_na_base_pair_step.j_auth_asym_id_2 
_ndb_struct_na_base_pair_step.j_auth_seq_id_2 
_ndb_struct_na_base_pair_step.j_PDB_ins_code_2 
1 A DC 1 1_555 A DG 6 8_665 A DG 2 1_555 A DC 5 8_665 1.360  1.121  7.065 0.186  -1.338 35.627 2.249  -2.164 7.027 -2.186 -0.303 
35.652 1 AA_DC1DG2:DC5DG6_AA A 1 ? A 6 ? A 2 ? A 5 ? 
1 A DG 2 1_555 A DC 5 8_665 A DA 3 1_555 A DT 4 8_665 -1.370 0.562  3.162 -5.224 0.554  31.328 0.926  1.544  3.350 1.017  9.589  
31.754 2 AA_DG2DA3:DT4DC5_AA A 2 ? A 5 ? A 3 ? A 4 ? 
1 A DA 3 1_555 A DT 4 8_665 A DT 4 1_555 A DA 3 8_665 0.000  -0.672 3.196 0.000  0.908  29.416 -1.512 0.000  3.174 1.787  0.000  
29.430 3 AA_DA3DT4:DA3DT4_AA A 3 ? A 4 ? A 4 ? A 3 ? 
1 A DT 4 1_555 A DA 3 8_665 A DC 5 1_555 A DG 2 8_665 1.370  0.562  3.162 5.224  0.554  31.328 0.926  -1.544 3.350 1.017  -9.589 
31.754 4 AA_DT4DC5:DG2DA3_AA A 4 ? A 3 ? A 5 ? A 2 ? 
1 A DC 5 1_555 A DG 2 8_665 A DG 6 1_555 A DC 1 8_665 -1.360 1.121  7.065 -0.186 -1.338 35.627 2.249  2.164  7.027 -2.186 0.303  
35.652 5 AA_DC5DG6:DC1DG2_AA A 5 ? A 2 ? A 6 ? A 1 ? 
# 
_atom_sites.entry_id                    1D10 
_atom_sites.fract_transf_matrix[1][1]   -0.03033663 
_atom_sites.fract_transf_matrix[1][2]   0.00842719 
_atom_sites.fract_transf_matrix[1][3]   0.01656056 
_atom_sites.fract_transf_matrix[2][1]   0.01047288 
_atom_sites.fract_transf_matrix[2][2]   -0.01843560 
_atom_sites.fract_transf_matrix[2][3]   0.02856621 
_atom_sites.fract_transf_matrix[3][1]   0.00812811 
_atom_sites.fract_transf_matrix[3][2]   0.01548167 
_atom_sites.fract_transf_matrix[3][3]   0.00701140 
_atom_sites.fract_transf_vector[1]      0.560384 
_atom_sites.fract_transf_vector[2]      0.523390 
_atom_sites.fract_transf_vector[3]      0.215143 
# 
loop_
_atom_type.symbol 
C  
N  
NA 
O  
P  
# 
loop_
_atom_site.group_PDB 
_atom_site.id 
_atom_site.type_symbol 
_atom_site.label_atom_id 
_atom_site.label_alt_id 
_atom_site.label_comp_id 
_atom_site.label_asym_id 
_atom_site.label_entity_id 
_atom_site.label_seq_id 
_atom_site.pdbx_PDB_ins_code 
_atom_site.Cartn_x 
_atom_site.Cartn_y 
_atom_site.Cartn_z 
_atom_site.occupancy 
_atom_site.B_iso_or_equiv 
_atom_site.pdbx_formal_charge 
_atom_site.auth_seq_id 
_atom_site.auth_comp_id 
_atom_site.auth_asym_id 
_atom_site.auth_atom_id 
_atom_site.pdbx_PDB_model_num 
ATOM   1   O  "O5'" . DC  A 1 1 ? 11.882  5.056   5.806   1.00 17.54 ? 1  DC  A "O5'" 1 
ATOM   2   C  "C5'" . DC  A 1 1 ? 12.365  5.553   7.044   1.00 15.97 ? 1  DC  A "C5'" 1 
ATOM   3   C  "C4'" . DC  A 1 1 ? 11.298  6.071   7.876   1.00 15.67 ? 1  DC  A "C4'" 1 
ATOM   4   O  "O4'" . DC  A 1 1 ? 11.064  7.397   7.310   1.00 15.06 ? 1  DC  A "O4'" 1 
ATOM   5   C  "C3'" . DC  A 1 1 ? 9.877   5.375   7.777   1.00 15.99 ? 1  DC  A "C3'" 1 
ATOM   6   O  "O3'" . DC  A 1 1 ? 9.306   5.554   8.986   1.00 17.21 ? 1  DC  A "O3'" 1 
ATOM   7   C  "C2'" . DC  A 1 1 ? 9.224   6.148   6.586   1.00 15.07 ? 1  DC  A "C2'" 1 
ATOM   8   C  "C1'" . DC  A 1 1 ? 9.727   7.655   6.912   1.00 12.62 ? 1  DC  A "C1'" 1 
ATOM   9   N  N1    . DC  A 1 1 ? 9.758   8.396   5.597   1.00 10.58 ? 1  DC  A N1    1 
ATOM   10  C  C2    . DC  A 1 1 ? 8.721   9.249   5.359   1.00 10.35 ? 1  DC  A C2    1 
ATOM   11  O  O2    . DC  A 1 1 ? 7.824   9.450   6.191   1.00 10.86 ? 1  DC  A O2    1 
ATOM   12  N  N3    . DC  A 1 1 ? 8.719   9.884   4.142   1.00 9.82  ? 1  DC  A N3    1 
ATOM   13  C  C4    . DC  A 1 1 ? 9.715   9.801   3.162   1.00 9.44  ? 1  DC  A C4    1 
ATOM   14  N  N4    . DC  A 1 1 ? 9.640   10.437  2.021   1.00 7.95  ? 1  DC  A N4    1 
ATOM   15  C  C5    . DC  A 1 1 ? 10.752  8.854   3.473   1.00 10.40 ? 1  DC  A C5    1 
ATOM   16  C  C6    . DC  A 1 1 ? 10.718  8.214   4.628   1.00 9.90  ? 1  DC  A C6    1 
ATOM   17  P  P     . DG  A 1 2 ? 8.732   4.250   9.785   1.00 19.49 ? 2  DG  A P     1 
ATOM   18  O  OP1   . DG  A 1 2 ? 8.416   4.785   11.123  1.00 20.48 ? 2  DG  A OP1   1 
ATOM   19  O  OP2   . DG  A 1 2 ? 9.569   3.206   9.378   1.00 19.42 ? 2  DG  A OP2   1 
ATOM   20  O  "O5'" . DG  A 1 2 ? 7.369   3.904   8.887   1.00 16.74 ? 2  DG  A "O5'" 1 
ATOM   21  C  "C5'" . DG  A 1 2 ? 6.280   4.768   9.161   1.00 14.84 ? 2  DG  A "C5'" 1 
ATOM   22  C  "C4'" . DG  A 1 2 ? 5.209   4.312   8.130   1.00 15.04 ? 2  DG  A "C4'" 1 
ATOM   23  O  "O4'" . DG  A 1 2 ? 5.643   4.583   6.857   1.00 14.05 ? 2  DG  A "O4'" 1 
ATOM   24  C  "C3'" . DG  A 1 2 ? 4.972   2.743   8.129   1.00 15.10 ? 2  DG  A "C3'" 1 
ATOM   25  O  "O3'" . DG  A 1 2 ? 3.583   2.672   8.007   1.00 18.91 ? 2  DG  A "O3'" 1 
ATOM   26  C  "C2'" . DG  A 1 2 ? 5.708   2.275   6.927   1.00 14.39 ? 2  DG  A "C2'" 1 
ATOM   27  C  "C1'" . DG  A 1 2 ? 5.301   3.508   5.933   1.00 12.04 ? 2  DG  A "C1'" 1 
ATOM   28  N  N9    . DG  A 1 2 ? 5.995   3.542   4.704   1.00 10.51 ? 2  DG  A N9    1 
ATOM   29  C  C8    . DG  A 1 2 ? 7.204   3.014   4.377   1.00 9.59  ? 2  DG  A C8    1 
ATOM   30  N  N7    . DG  A 1 2 ? 7.549   3.246   3.098   1.00 10.21 ? 2  DG  A N7    1 
ATOM   31  C  C5    . DG  A 1 2 ? 6.481   3.889   2.588   1.00 9.02  ? 2  DG  A C5    1 
ATOM   32  C  C6    . DG  A 1 2 ? 6.178   4.395   1.327   1.00 8.91  ? 2  DG  A C6    1 
ATOM   33  O  O6    . DG  A 1 2 ? 6.977   4.351   0.341   1.00 10.35 ? 2  DG  A O6    1 
ATOM   34  N  N1    . DG  A 1 2 ? 5.033   5.088   1.102   1.00 7.95  ? 2  DG  A N1    1 
ATOM   35  C  C2    . DG  A 1 2 ? 4.188   5.219   2.165   1.00 7.10  ? 2  DG  A C2    1 
ATOM   36  N  N2    . DG  A 1 2 ? 3.128   5.833   2.003   1.00 6.99  ? 2  DG  A N2    1 
ATOM   37  N  N3    . DG  A 1 2 ? 4.310   4.800   3.378   1.00 8.24  ? 2  DG  A N3    1 
ATOM   38  C  C4    . DG  A 1 2 ? 5.484   4.130   3.546   1.00 8.69  ? 2  DG  A C4    1 
ATOM   39  P  P     . DA  A 1 3 ? 2.665   1.628   8.904   1.00 21.51 ? 3  DA  A P     1 
ATOM   40  O  OP1   . DA  A 1 3 ? 2.787   2.069   10.203  1.00 20.89 ? 3  DA  A OP1   1 
ATOM   41  O  OP2   . DA  A 1 3 ? 3.109   0.309   8.331   1.00 22.11 ? 3  DA  A OP2   1 
ATOM   42  O  "O5'" . DA  A 1 3 ? 1.167   1.953   8.445   1.00 18.52 ? 3  DA  A "O5'" 1 
ATOM   43  C  "C5'" . DA  A 1 3 ? 0.654   3.244   8.832   1.00 16.75 ? 3  DA  A "C5'" 1 
ATOM   44  C  "C4'" . DA  A 1 3 ? -0.250  3.413   7.574   1.00 15.50 ? 3  DA  A "C4'" 1 
ATOM   45  O  "O4'" . DA  A 1 3 ? 0.612   3.581   6.422   1.00 13.53 ? 3  DA  A "O4'" 1 
ATOM   46  C  "C3'" . DA  A 1 3 ? -1.247  2.227   7.203   1.00 15.11 ? 3  DA  A "C3'" 1 
ATOM   47  O  "O3'" . DA  A 1 3 ? -2.499  2.779   7.146   1.00 15.15 ? 3  DA  A "O3'" 1 
ATOM   48  C  "C2'" . DA  A 1 3 ? -0.755  1.745   5.851   1.00 14.32 ? 3  DA  A "C2'" 1 
ATOM   49  C  "C1'" . DA  A 1 3 ? -0.019  2.990   5.249   1.00 12.43 ? 3  DA  A "C1'" 1 
ATOM   50  N  N9    . DA  A 1 3 ? 1.084   2.569   4.480   1.00 10.73 ? 3  DA  A N9    1 
ATOM   51  C  C8    . DA  A 1 3 ? 2.101   1.796   4.889   1.00 10.55 ? 3  DA  A C8    1 
ATOM   52  N  N7    . DA  A 1 3 ? 2.961   1.522   3.887   1.00 10.15 ? 3  DA  A N7    1 
ATOM   53  C  C5    . DA  A 1 3 ? 2.416   2.204   2.806   1.00 10.00 ? 3  DA  A C5    1 
ATOM   54  C  C6    . DA  A 1 3 ? 2.845   2.262   1.437   1.00 9.00  ? 3  DA  A C6    1 
ATOM   55  N  N6    . DA  A 1 3 ? 3.983   1.730   0.971   1.00 8.94  ? 3  DA  A N6    1 
ATOM   56  N  N1    . DA  A 1 3 ? 2.116   2.950   0.612   1.00 8.15  ? 3  DA  A N1    1 
ATOM   57  C  C2    . DA  A 1 3 ? 0.970   3.531   1.123   1.00 9.23  ? 3  DA  A C2    1 
ATOM   58  N  N3    . DA  A 1 3 ? 0.421   3.486   2.286   1.00 9.55  ? 3  DA  A N3    1 
ATOM   59  C  C4    . DA  A 1 3 ? 1.252   2.772   3.104   1.00 9.75  ? 3  DA  A C4    1 
ATOM   60  P  P     . DT  A 1 4 ? -3.804  1.853   6.810   1.00 16.94 ? 4  DT  A P     1 
ATOM   61  O  OP1   . DT  A 1 4 ? -4.829  2.744   7.307   1.00 17.06 ? 4  DT  A OP1   1 
ATOM   62  O  OP2   . DT  A 1 4 ? -3.524  0.580   7.189   1.00 16.49 ? 4  DT  A OP2   1 
ATOM   63  O  "O5'" . DT  A 1 4 ? -3.937  2.003   5.179   1.00 16.36 ? 4  DT  A "O5'" 1 
ATOM   64  C  "C5'" . DT  A 1 4 ? -4.456  3.121   4.609   1.00 14.67 ? 4  DT  A "C5'" 1 
ATOM   65  C  "C4'" . DT  A 1 4 ? -4.454  2.923   3.113   1.00 13.05 ? 4  DT  A "C4'" 1 
ATOM   66  O  "O4'" . DT  A 1 4 ? -3.196  2.560   2.653   1.00 12.38 ? 4  DT  A "O4'" 1 
ATOM   67  C  "C3'" . DT  A 1 4 ? -5.462  1.686   2.769   1.00 14.49 ? 4  DT  A "C3'" 1 
ATOM   68  O  "O3'" . DT  A 1 4 ? -6.404  2.263   1.906   1.00 17.17 ? 4  DT  A "O3'" 1 
ATOM   69  C  "C2'" . DT  A 1 4 ? -4.601  0.675   2.050   1.00 12.58 ? 4  DT  A "C2'" 1 
ATOM   70  C  "C1'" . DT  A 1 4 ? -3.394  1.508   1.616   1.00 11.39 ? 4  DT  A "C1'" 1 
ATOM   71  N  N1    . DT  A 1 4 ? -2.099  0.792   1.576   1.00 10.89 ? 4  DT  A N1    1 
ATOM   72  C  C2    . DT  A 1 4 ? -1.379  0.922   0.430   1.00 9.80  ? 4  DT  A C2    1 
ATOM   73  O  O2    . DT  A 1 4 ? -1.809  1.520   -0.565  1.00 11.32 ? 4  DT  A O2    1 
ATOM   74  N  N3    . DT  A 1 4 ? -0.207  0.290   0.347   1.00 9.09  ? 4  DT  A N3    1 
ATOM   75  C  C4    . DT  A 1 4 ? 0.343   -0.431  1.374   1.00 9.65  ? 4  DT  A C4    1 
ATOM   76  O  O4    . DT  A 1 4 ? 1.426   -0.952  1.190   1.00 10.75 ? 4  DT  A O4    1 
ATOM   77  C  C5    . DT  A 1 4 ? -0.406  -0.527  2.610   1.00 10.34 ? 4  DT  A C5    1 
ATOM   78  C  C7    . DT  A 1 4 ? 0.109   -1.272  3.781   1.00 10.82 ? 4  DT  A C7    1 
ATOM   79  C  C6    . DT  A 1 4 ? -1.590  0.121   2.664   1.00 10.50 ? 4  DT  A C6    1 
ATOM   80  P  P     . DC  A 1 5 ? -7.790  1.544   1.687   1.00 18.86 ? 5  DC  A P     1 
ATOM   81  O  OP1   . DC  A 1 5 ? -8.573  2.671   1.098   1.00 20.29 ? 5  DC  A OP1   1 
ATOM   82  O  OP2   . DC  A 1 5 ? -8.079  0.759   2.807   1.00 18.94 ? 5  DC  A OP2   1 
ATOM   83  O  "O5'" . DC  A 1 5 ? -7.659  0.629   0.298   1.00 16.83 ? 5  DC  A "O5'" 1 
ATOM   84  C  "C5'" . DC  A 1 5 ? -7.133  1.238   -0.833  1.00 15.12 ? 5  DC  A "C5'" 1 
ATOM   85  C  "C4'" . DC  A 1 5 ? -6.681  -0.002  -1.684  1.00 14.76 ? 5  DC  A "C4'" 1 
ATOM   86  O  "O4'" . DC  A 1 5 ? -5.330  -0.247  -1.189  1.00 13.58 ? 5  DC  A "O4'" 1 
ATOM   87  C  "C3'" . DC  A 1 5 ? -7.422  -1.367  -1.622  1.00 14.40 ? 5  DC  A "C3'" 1 
ATOM   88  O  "O3'" . DC  A 1 5 ? -7.495  -1.872  -2.918  1.00 16.47 ? 5  DC  A "O3'" 1 
ATOM   89  C  "C2'" . DC  A 1 5 ? -6.529  -2.283  -0.793  1.00 12.68 ? 5  DC  A "C2'" 1 
ATOM   90  C  "C1'" . DC  A 1 5 ? -5.149  -1.577  -1.118  1.00 11.92 ? 5  DC  A "C1'" 1 
ATOM   91  N  N1    . DC  A 1 5 ? -4.027  -2.055  -0.319  1.00 10.24 ? 5  DC  A N1    1 
ATOM   92  C  C2    . DC  A 1 5 ? -2.810  -2.088  -0.973  1.00 9.29  ? 5  DC  A C2    1 
ATOM   93  O  O2    . DC  A 1 5 ? -2.740  -1.575  -2.101  1.00 9.73  ? 5  DC  A O2    1 
ATOM   94  N  N3    . DC  A 1 5 ? -1.794  -2.688  -0.426  1.00 9.65  ? 5  DC  A N3    1 
ATOM   95  C  C4    . DC  A 1 5 ? -1.803  -3.247  0.876   1.00 9.86  ? 5  DC  A C4    1 
ATOM   96  N  N4    . DC  A 1 5 ? -0.709  -3.818  1.417   1.00 9.85  ? 5  DC  A N4    1 
ATOM   97  C  C5    . DC  A 1 5 ? -3.049  -3.156  1.615   1.00 9.70  ? 5  DC  A C5    1 
ATOM   98  C  C6    . DC  A 1 5 ? -4.073  -2.629  0.983   1.00 10.59 ? 5  DC  A C6    1 
ATOM   99  P  P     . DG  A 1 6 ? -8.874  -1.819  -3.746  1.00 19.22 ? 6  DG  A P     1 
ATOM   100 O  OP1   . DG  A 1 6 ? -9.183  -0.407  -3.944  1.00 18.49 ? 6  DG  A OP1   1 
ATOM   101 O  OP2   . DG  A 1 6 ? -9.750  -2.754  -2.945  1.00 18.06 ? 6  DG  A OP2   1 
ATOM   102 O  "O5'" . DG  A 1 6 ? -8.659  -2.254  -5.252  1.00 16.87 ? 6  DG  A "O5'" 1 
ATOM   103 C  "C5'" . DG  A 1 6 ? -7.752  -1.533  -6.018  1.00 15.55 ? 6  DG  A "C5'" 1 
ATOM   104 C  "C4'" . DG  A 1 6 ? -7.503  -2.333  -7.299  1.00 13.62 ? 6  DG  A "C4'" 1 
ATOM   105 O  "O4'" . DG  A 1 6 ? -6.619  -3.437  -6.934  1.00 13.42 ? 6  DG  A "O4'" 1 
ATOM   106 C  "C3'" . DG  A 1 6 ? -8.753  -2.965  -7.894  1.00 12.63 ? 6  DG  A "C3'" 1 
ATOM   107 O  "O3'" . DG  A 1 6 ? -8.570  -2.893  -9.269  1.00 13.69 ? 6  DG  A "O3'" 1 
ATOM   108 C  "C2'" . DG  A 1 6 ? -8.786  -4.370  -7.360  1.00 12.64 ? 6  DG  A "C2'" 1 
ATOM   109 C  "C1'" . DG  A 1 6 ? -7.270  -4.749  -7.241  1.00 11.57 ? 6  DG  A "C1'" 1 
ATOM   110 N  N9    . DG  A 1 6 ? -6.914  -5.498  -6.080  1.00 9.91  ? 6  DG  A N9    1 
ATOM   111 C  C8    . DG  A 1 6 ? -7.533  -5.630  -4.925  1.00 9.54  ? 6  DG  A C8    1 
ATOM   112 N  N7    . DG  A 1 6 ? -6.879  -6.360  -4.065  1.00 10.86 ? 6  DG  A N7    1 
ATOM   113 C  C5    . DG  A 1 6 ? -5.739  -6.740  -4.754  1.00 9.99  ? 6  DG  A C5    1 
ATOM   114 C  C6    . DG  A 1 6 ? -4.619  -7.556  -4.376  1.00 10.04 ? 6  DG  A C6    1 
ATOM   115 O  O6    . DG  A 1 6 ? -4.504  -8.089  -3.228  1.00 11.67 ? 6  DG  A O6    1 
ATOM   116 N  N1    . DG  A 1 6 ? -3.642  -7.738  -5.250  1.00 10.02 ? 6  DG  A N1    1 
ATOM   117 C  C2    . DG  A 1 6 ? -3.748  -7.153  -6.470  1.00 9.53  ? 6  DG  A C2    1 
ATOM   118 N  N2    . DG  A 1 6 ? -2.856  -7.300  -7.305  1.00 9.75  ? 6  DG  A N2    1 
ATOM   119 N  N3    . DG  A 1 6 ? -4.738  -6.381  -6.927  1.00 8.79  ? 6  DG  A N3    1 
ATOM   120 C  C4    . DG  A 1 6 ? -5.686  -6.229  -6.000  1.00 9.65  ? 6  DG  A C4    1 
HETATM 121 C  C1    . DM1 B 2 . ? -1.395  -7.291  0.487   1.00 9.85  ? 7  DM1 A C1    1 
HETATM 122 C  C2    . DM1 B 2 . ? -2.199  -7.378  1.641   1.00 9.83  ? 7  DM1 A C2    1 
HETATM 123 C  C3    . DM1 B 2 . ? -3.479  -6.810  1.637   1.00 10.66 ? 7  DM1 A C3    1 
HETATM 124 C  C4    . DM1 B 2 . ? -3.948  -6.137  0.509   1.00 9.90  ? 7  DM1 A C4    1 
HETATM 125 O  O4    . DM1 B 2 . ? -5.180  -5.592  0.552   1.00 11.23 ? 7  DM1 A O4    1 
HETATM 126 C  C5    . DM1 B 2 . ? -3.107  -5.979  -0.655  1.00 9.66  ? 7  DM1 A C5    1 
HETATM 127 C  C6    . DM1 B 2 . ? -3.497  -5.282  -1.789  1.00 8.17  ? 7  DM1 A C6    1 
HETATM 128 O  O6    . DM1 B 2 . ? -4.690  -4.739  -1.882  1.00 10.35 ? 7  DM1 A O6    1 
HETATM 129 C  C7    . DM1 B 2 . ? -2.662  -5.220  -2.947  1.00 7.98  ? 7  DM1 A C7    1 
HETATM 130 C  C8    . DM1 B 2 . ? -3.083  -4.516  -4.085  1.00 8.32  ? 7  DM1 A C8    1 
HETATM 131 O  O8    . DM1 B 2 . ? -4.288  -3.891  -4.147  1.00 8.95  ? 7  DM1 A O8    1 
HETATM 132 C  C9    . DM1 B 2 . ? -2.203  -4.440  -5.239  1.00 8.24  ? 7  DM1 A C9    1 
HETATM 133 C  C10   . DM1 B 2 . ? -2.728  -3.651  -6.381  1.00 10.08 ? 7  DM1 A C10   1 
HETATM 134 O  O10   . DM1 B 2 . ? -2.830  -2.317  -5.788  1.00 13.17 ? 7  DM1 A O10   1 
HETATM 135 C  C11   . DM1 B 2 . ? -1.930  -3.677  -7.710  1.00 10.64 ? 7  DM1 A C11   1 
HETATM 136 C  C12   . DM1 B 2 . ? -0.385  -3.744  -7.337  1.00 11.23 ? 7  DM1 A C12   1 
HETATM 137 O  O12   . DM1 B 2 . ? 0.305   -2.595  -6.632  1.00 12.20 ? 7  DM1 A O12   1 
HETATM 138 C  C13   . DM1 B 2 . ? 0.400   -3.855  -8.633  1.00 12.91 ? 7  DM1 A C13   1 
HETATM 139 O  O13   . DM1 B 2 . ? 0.715   -5.093  -9.028  1.00 14.09 ? 7  DM1 A O13   1 
HETATM 140 C  C14   . DM1 B 2 . ? 0.693   -2.612  -9.405  1.00 14.04 ? 7  DM1 A C14   1 
HETATM 141 C  C15   . DM1 B 2 . ? -0.072  -4.976  -6.414  1.00 8.97  ? 7  DM1 A C15   1 
HETATM 142 C  C16   . DM1 B 2 . ? -0.943  -5.078  -5.224  1.00 7.54  ? 7  DM1 A C16   1 
HETATM 143 C  C17   . DM1 B 2 . ? -0.592  -5.771  -4.054  1.00 7.85  ? 7  DM1 A C17   1 
HETATM 144 O  O17   . DM1 B 2 . ? 0.625   -6.432  -4.115  1.00 9.51  ? 7  DM1 A O17   1 
HETATM 145 C  C18   . DM1 B 2 . ? -1.415  -5.860  -2.927  1.00 7.63  ? 7  DM1 A C18   1 
HETATM 146 C  C19   . DM1 B 2 . ? -1.010  -6.557  -1.756  1.00 8.21  ? 7  DM1 A C19   1 
HETATM 147 O  O19   . DM1 B 2 . ? 0.188   -7.177  -1.665  1.00 9.91  ? 7  DM1 A O19   1 
HETATM 148 C  C20   . DM1 B 2 . ? -1.850  -6.585  -0.646  1.00 8.84  ? 7  DM1 A C20   1 
HETATM 149 C  C21   . DM1 B 2 . ? -6.026  -5.548  1.788   1.00 12.19 ? 7  DM1 A C21   1 
HETATM 150 C  "C1'" . DM1 B 2 . ? -3.771  -1.258  -6.184  1.00 14.52 ? 7  DM1 A "C1'" 1 
HETATM 151 C  "C2'" . DM1 B 2 . ? -4.181  -0.461  -4.886  1.00 15.26 ? 7  DM1 A "C2'" 1 
HETATM 152 C  "C3'" . DM1 B 2 . ? -2.970  0.451   -4.421  1.00 15.60 ? 7  DM1 A "C3'" 1 
HETATM 153 N  "N3'" . DM1 B 2 . ? -3.416  1.252   -3.235  1.00 13.77 ? 7  DM1 A "N3'" 1 
HETATM 154 C  "C4'" . DM1 B 2 . ? -2.466  1.335   -5.646  1.00 15.76 ? 7  DM1 A "C4'" 1 
HETATM 155 O  "O4'" . DM1 B 2 . ? -3.644  2.121   -6.004  1.00 18.22 ? 7  DM1 A "O4'" 1 
HETATM 156 C  "C5'" . DM1 B 2 . ? -2.081  0.481   -6.830  1.00 15.13 ? 7  DM1 A "C5'" 1 
HETATM 157 O  "O5'" . DM1 B 2 . ? -3.143  -0.426  -7.220  1.00 15.54 ? 7  DM1 A "O5'" 1 
HETATM 158 C  "C6'" . DM1 B 2 . ? -1.645  1.233   -8.098  1.00 15.89 ? 7  DM1 A "C6'" 1 
HETATM 159 N  N1    . SPM C 3 . ? 5.630   -5.760  -0.640  1.00 42.53 ? 8  SPM A N1    1 
HETATM 160 C  C2    . SPM C 3 . ? 5.576   -4.510  0.323   1.00 42.31 ? 8  SPM A C2    1 
HETATM 161 C  C3    . SPM C 3 . ? 5.140   -3.132  -0.220  1.00 41.36 ? 8  SPM A C3    1 
HETATM 162 C  C4    . SPM C 3 . ? 6.076   -2.265  -0.974  1.00 40.34 ? 8  SPM A C4    1 
HETATM 163 N  N5    . SPM C 3 . ? 6.026   -2.027  -2.492  1.00 39.06 ? 8  SPM A N5    1 
HETATM 164 C  C6    . SPM C 3 . ? 6.503   -0.711  -2.949  1.00 38.30 ? 8  SPM A C6    1 
HETATM 165 C  C7    . SPM C 3 . ? 6.498   0.444   -1.994  1.00 38.00 ? 8  SPM A C7    1 
HETATM 166 C  C8    . SPM C 3 . ? 7.431   1.503   -1.936  1.00 38.38 ? 8  SPM A C8    1 
HETATM 167 C  C9    . SPM C 3 . ? 8.786   1.601   -2.675  1.00 39.01 ? 8  SPM A C9    1 
HETATM 168 N  N10   . SPM C 3 . ? 8.773   2.491   -3.969  1.00 39.54 ? 8  SPM A N10   1 
HETATM 169 C  C11   . SPM C 3 . ? 9.296   3.990   -3.708  1.00 39.98 ? 8  SPM A C11   1 
HETATM 170 C  C12   . SPM C 3 . ? 8.369   5.071   -4.231  1.00 39.40 ? 8  SPM A C12   1 
HETATM 171 C  C13   . SPM C 3 . ? 8.432   6.283   -4.937  1.00 39.33 ? 8  SPM A C13   1 
HETATM 172 N  N14   . SPM C 3 . ? 7.211   6.700   -5.822  1.00 39.87 ? 8  SPM A N14   1 
HETATM 173 NA NA    . NA  D 4 . ? 5.749   13.185  -1.560  1.00 32.32 ? 9  NA  A NA    1 
HETATM 174 O  O     . HOH E 5 . ? -9.237  -4.822  -0.862  1.00 41.33 ? 10 HOH A O     1 
HETATM 175 O  O     . HOH E 5 . ? -5.705  -8.781  -1.035  1.00 34.97 ? 11 HOH A O     1 
HETATM 176 O  O     . HOH E 5 . ? -8.889  -8.266  -0.118  1.00 42.24 ? 12 HOH A O     1 
HETATM 177 O  O     . HOH E 5 . ? -1.262  -11.318 -0.060  1.00 37.07 ? 13 HOH A O     1 
HETATM 178 O  O     . HOH E 5 . ? -0.744  -11.150 2.475   1.00 44.16 ? 14 HOH A O     1 
HETATM 179 O  O     . HOH E 5 . ? -2.244  -9.811  4.665   1.00 41.15 ? 15 HOH A O     1 
HETATM 180 O  O     . HOH E 5 . ? -3.997  -7.806  5.248   1.00 41.63 ? 16 HOH A O     1 
HETATM 181 O  O     . HOH E 5 . ? -7.833  2.141   -5.862  1.00 42.79 ? 17 HOH A O     1 
HETATM 182 O  O     . HOH E 5 . ? -6.151  1.339   -7.824  1.00 43.00 ? 18 HOH A O     1 
HETATM 183 O  O     . HOH E 5 . ? -5.188  -1.005  -9.928  1.00 44.64 ? 19 HOH A O     1 
HETATM 184 O  O     . HOH E 5 . ? -4.866  -5.515  -9.208  1.00 28.66 ? 20 HOH A O     1 
HETATM 185 O  O     . HOH E 5 . ? 13.634  6.257   3.766   1.00 29.70 ? 21 HOH A O     1 
HETATM 186 O  O     . HOH E 5 . ? -2.452  -6.653  -9.825  1.00 39.13 ? 22 HOH A O     1 
HETATM 187 O  O     . HOH E 5 . ? -13.170 5.262   4.782   1.00 53.35 ? 23 HOH A O     1 
HETATM 188 O  O     . HOH E 5 . ? -11.941 -2.664  3.455   1.00 51.86 ? 24 HOH A O     1 
HETATM 189 O  O     . HOH E 5 . ? 4.175   -11.051 3.741   1.00 48.60 ? 25 HOH A O     1 
HETATM 190 O  O     . HOH E 5 . ? 12.560  2.615   10.311  1.00 29.19 ? 26 HOH A O     1 
HETATM 191 O  O     . HOH E 5 . ? -3.441  -1.369  5.010   1.00 24.74 ? 27 HOH A O     1 
HETATM 192 O  O     . HOH E 5 . ? -8.778  -0.723  -15.208 1.00 44.39 ? 28 HOH A O     1 
HETATM 193 O  O     . HOH E 5 . ? -8.887  -3.238  -13.688 1.00 40.79 ? 29 HOH A O     1 
HETATM 194 O  O     . HOH E 5 . ? -6.735  -3.749  -11.321 1.00 43.69 ? 30 HOH A O     1 
HETATM 195 O  O     . HOH E 5 . ? 9.911   3.737   -0.185  1.00 38.57 ? 31 HOH A O     1 
HETATM 196 O  O     . HOH E 5 . ? 1.830   -5.434  -11.526 1.00 43.46 ? 32 HOH A O     1 
HETATM 197 O  O     . HOH E 5 . ? -1.272  -1.227  -11.650 1.00 46.33 ? 33 HOH A O     1 
HETATM 198 O  O     . HOH E 5 . ? 11.431  1.875   5.333   1.00 35.49 ? 34 HOH A O     1 
HETATM 199 O  O     . HOH E 5 . ? 2.615   3.932   11.851  1.00 32.38 ? 35 HOH A O     1 
HETATM 200 O  O     . HOH E 5 . ? -7.303  5.334   0.864   1.00 37.81 ? 36 HOH A O     1 
HETATM 201 O  O     . HOH E 5 . ? 6.507   -1.561  8.157   1.00 47.20 ? 37 HOH A O     1 
HETATM 202 O  O     . HOH E 5 . ? 3.139   -12.195 6.182   1.00 49.01 ? 38 HOH A O     1 
HETATM 203 O  O     . HOH E 5 . ? -1.708  3.967   -3.292  1.00 19.36 ? 39 HOH A O     1 
HETATM 204 O  O     . HOH E 5 . ? -13.293 -6.780  2.565   1.00 51.44 ? 40 HOH A O     1 
HETATM 205 O  O     . HOH E 5 . ? 0.497   -8.235  -8.827  1.00 30.67 ? 41 HOH A O     1 
HETATM 206 O  O     . HOH E 5 . ? 9.149   1.278   6.653   1.00 31.82 ? 42 HOH A O     1 
HETATM 207 O  O     . HOH E 5 . ? -7.117  -2.001  2.528   1.00 28.72 ? 43 HOH A O     1 
HETATM 208 O  O     . HOH E 5 . ? 6.920   16.048  -8.915  1.00 46.08 ? 44 HOH A O     1 
HETATM 209 O  O     . HOH E 5 . ? -9.384  -3.990  1.611   1.00 47.99 ? 45 HOH A O     1 
HETATM 210 O  O     . HOH E 5 . ? -12.987 -3.057  -2.783  1.00 49.20 ? 46 HOH A O     1 
HETATM 211 O  O     . HOH E 5 . ? 11.196  4.755   1.909   1.00 47.80 ? 47 HOH A O     1 
HETATM 212 O  O     . HOH E 5 . ? 11.477  1.359   -11.735 1.00 49.79 ? 48 HOH A O     1 
HETATM 213 O  O     . HOH E 5 . ? 4.530   -8.019  4.967   1.00 52.72 ? 49 HOH A O     1 
HETATM 214 O  O     . HOH E 5 . ? -5.701  -2.700  4.688   1.00 46.13 ? 50 HOH A O     1 
HETATM 215 O  O     . HOH E 5 . ? -5.749  3.229   -3.955  1.00 25.61 ? 51 HOH A O     1 
HETATM 216 O  O     . HOH E 5 . ? 7.979   0.127   -4.670  1.00 39.26 ? 52 HOH A O     1 
HETATM 217 O  O     . HOH E 5 . ? 9.330   16.047  -0.746  1.00 43.77 ? 53 HOH A O     1 
HETATM 218 O  O     . HOH E 5 . ? -11.657 -6.613  0.268   1.00 44.31 ? 54 HOH A O     1 
HETATM 219 O  O     . HOH E 5 . ? -3.213  5.832   -5.126  1.00 41.91 ? 55 HOH A O     1 
HETATM 220 O  O     . HOH E 5 . ? -0.619  17.327  0.508   1.00 42.04 ? 56 HOH A O     1 
HETATM 221 O  O     . HOH E 5 . ? 1.851   16.815  -0.809  1.00 43.05 ? 57 HOH A O     1 
HETATM 222 O  O     . HOH E 5 . ? -1.807  13.788  -4.358  1.00 42.18 ? 58 HOH A O     1 
HETATM 223 O  O     . HOH E 5 . ? 10.596  -0.073  -1.282  1.00 39.13 ? 59 HOH A O     1 
HETATM 224 O  O     . HOH E 5 . ? -13.472 1.040   7.734   1.00 47.26 ? 60 HOH A O     1 
HETATM 225 O  O     . HOH E 5 . ? -0.496  -3.863  -12.685 1.00 57.53 ? 61 HOH A O     1 
HETATM 226 O  O     . HOH E 5 . ? -9.049  -7.493  2.358   1.00 40.25 ? 62 HOH A O     1 
HETATM 227 O  O     . HOH E 5 . ? 13.579  -1.449  -4.747  1.00 50.67 ? 63 HOH A O     1 
HETATM 228 O  O     . HOH E 5 . ? -7.453  -9.353  2.541   1.00 46.90 ? 64 HOH A O     1 
HETATM 229 O  O     . HOH E 5 . ? 14.090  4.187   -3.362  1.00 63.01 ? 65 HOH A O     1 
HETATM 230 O  O     . HOH E 5 . ? 7.378   1.315   -7.704  1.00 56.00 ? 66 HOH A O     1 
HETATM 231 O  O     . HOH E 5 . ? 7.966   7.695   11.667  1.00 61.92 ? 67 HOH A O     1 
HETATM 232 O  O     . HOH E 5 . ? 12.458  1.191   7.942   1.00 30.50 ? 68 HOH A O     1 
HETATM 233 O  O     . HOH E 5 . ? -11.773 -4.112  -0.034  1.00 47.08 ? 69 HOH A O     1 
# 
